data_7T0E
#
_entry.id   7T0E
#
_cell.length_a   140.830
_cell.length_b   140.830
_cell.length_c   130.069
_cell.angle_alpha   90.000
_cell.angle_beta   90.000
_cell.angle_gamma   90.000
#
_symmetry.space_group_name_H-M   'P 43 21 2'
#
loop_
_entity.id
_entity.type
_entity.pdbx_description
1 polymer 'Protein farnesyltransferase/geranylgeranyltransferase type-1 subunit alpha'
2 polymer 'Protein farnesyltransferase subunit beta'
3 non-polymer 1,2-ETHANEDIOL
4 non-polymer 'ZINC ION'
5 non-polymer '(2R)-3-(cyclohexylamino)-2-hydroxypropane-1-sulfonic acid'
6 non-polymer 'FARNESYL DIPHOSPHATE'
7 non-polymer (5S)-4-({1-[(4-bromophenyl)methyl]-1H-imidazol-5-yl}methyl)-5-butyl-1-(3-chlorophenyl)piperazin-2-one
8 water water
#
loop_
_entity_poly.entity_id
_entity_poly.type
_entity_poly.pdbx_seq_one_letter_code
_entity_poly.pdbx_strand_id
1 'polypeptide(L)'
;MGSSHHHHHHSQDLMVTSTYIPMSQRRSWADVKPIMQDDGPNPVVPIMYSEEYKDAMDYFRAIAAKEEKSERALELTEII
VRMNPAHYTVWQYRFSLLTSLNKSLEDELRLMNEFAVQNLKSYQVWHHRLLLLDRISPQDPVSEIEYIHGSLLPDPKNYH
TWAYLHWLYSHFSTLGRISEAQWGSELDWCNEMLRVDGRNNSAWGWRWYLRVSRPGAETSSRSLQDELIYILKSIHLIPH
NVSAWNYLRGFLKHFSLPLVPILPAILPYTASKLNPDIETVEAFGFPMPSDPLPEDTPLPVPLALEYLADSFIEQNRVDD
AAKVFEKLSSEYDQMRAGYWEFRRRECAE
;
A
2 'polypeptide(L)'
;MATEFTPSVYSLVSKPLPSNSRPSATLDEQAETEDLISQLFDLTADPNALVSEHGKRYSGLRKQEHTQFLASSFFQLPGK
FVSLDASRPWLVFWTVHSLDLLGVALDQGTKDRVVSTLLHFLSPKGGFGGGPANSQIPHLLPTYASVCSLAIAGNDSSTG
GWKDLAAARQSIYEFFMRCKRPDGGFVVCEGGEVDVRGTYCLLVVATLLDIITPELLHNVDKFVSACQTYEGGFACASFP
FPSVVPSTSAFPTSEPSCRVSMAEAHGGYTSCSLNSHFLLTSVPLPSFPLSIDANAALRWTVLQQGEPIEGGGFRGRTNK
LVDGCYSWWVGGGAPVAEELVRREKSRKVKKSRIEVFEEEKEGDWEDVPPIPPIFNRVALQEFTLVAAQQDPGSTGGLRD
KPGKRPDQYHTCNNLSGLSIAQHKMSHSPSTVSSNRLKFDASKGLPAVKPVAPGGGWKNEDERQNARREIWANALGWIEE
EGGEIIVGGKDNRINTTTPVFNILGLRLKPFINYFYCQEN
;
B
#
# COMPACT_ATOMS: atom_id res chain seq x y z
N THR A 19 23.75 -19.89 31.13
CA THR A 19 24.07 -20.48 29.83
C THR A 19 22.81 -21.07 29.20
N TYR A 20 22.89 -21.40 27.91
CA TYR A 20 21.76 -21.94 27.17
C TYR A 20 21.83 -23.46 27.14
N ILE A 21 20.71 -24.11 27.45
CA ILE A 21 20.60 -25.56 27.45
C ILE A 21 19.94 -25.97 26.13
N PRO A 22 20.64 -26.69 25.24
CA PRO A 22 20.01 -27.12 24.00
C PRO A 22 18.83 -28.06 24.26
N MET A 23 17.88 -28.05 23.33
CA MET A 23 16.69 -28.88 23.50
C MET A 23 16.99 -30.37 23.38
N SER A 24 18.11 -30.74 22.78
CA SER A 24 18.53 -32.14 22.77
C SER A 24 19.02 -32.60 24.14
N GLN A 25 19.28 -31.69 25.06
CA GLN A 25 19.69 -32.01 26.42
C GLN A 25 18.54 -31.87 27.41
N ARG A 26 17.30 -31.89 26.93
CA ARG A 26 16.12 -31.75 27.78
C ARG A 26 15.31 -33.03 27.72
N ARG A 27 14.96 -33.58 28.90
CA ARG A 27 14.21 -34.83 28.94
C ARG A 27 12.83 -34.68 28.29
N SER A 28 12.23 -33.50 28.40
CA SER A 28 10.90 -33.28 27.82
C SER A 28 10.88 -33.33 26.30
N TRP A 29 12.05 -33.32 25.65
CA TRP A 29 12.12 -33.37 24.20
C TRP A 29 12.98 -34.52 23.68
N ALA A 30 13.33 -35.48 24.54
CA ALA A 30 14.24 -36.55 24.14
C ALA A 30 13.66 -37.41 23.02
N ASP A 31 12.33 -37.48 22.92
CA ASP A 31 11.68 -38.33 21.94
C ASP A 31 11.64 -37.72 20.55
N VAL A 32 11.90 -36.43 20.40
CA VAL A 32 11.68 -35.71 19.15
C VAL A 32 13.01 -35.57 18.41
N LYS A 33 13.02 -36.00 17.15
CA LYS A 33 14.18 -35.84 16.27
C LYS A 33 14.02 -34.55 15.48
N PRO A 34 14.85 -33.54 15.72
CA PRO A 34 14.69 -32.26 15.01
C PRO A 34 14.88 -32.41 13.51
N ILE A 35 14.27 -31.50 12.76
CA ILE A 35 14.34 -31.48 11.31
C ILE A 35 14.97 -30.17 10.87
N MET A 36 16.00 -30.27 10.02
CA MET A 36 16.75 -29.09 9.60
C MET A 36 16.01 -28.31 8.52
N GLN A 37 16.30 -27.01 8.47
CA GLN A 37 15.73 -26.15 7.44
C GLN A 37 16.32 -26.50 6.07
N ASP A 38 15.45 -26.64 5.08
CA ASP A 38 15.83 -27.15 3.75
C ASP A 38 15.59 -26.08 2.68
N ASP A 39 16.58 -25.21 2.48
CA ASP A 39 16.54 -24.26 1.37
C ASP A 39 17.68 -24.50 0.37
N GLY A 40 18.26 -25.69 0.37
CA GLY A 40 19.32 -26.03 -0.56
C GLY A 40 20.70 -25.86 0.04
N PRO A 41 21.73 -26.29 -0.71
CA PRO A 41 23.09 -26.28 -0.15
C PRO A 41 23.72 -24.90 -0.06
N ASN A 42 23.25 -23.92 -0.84
CA ASN A 42 23.85 -22.59 -0.85
C ASN A 42 22.79 -21.57 -1.24
N PRO A 43 21.88 -21.26 -0.32
CA PRO A 43 20.76 -20.36 -0.66
C PRO A 43 21.17 -18.89 -0.64
N VAL A 44 20.42 -18.10 -1.40
CA VAL A 44 20.58 -16.65 -1.36
C VAL A 44 19.80 -16.11 -0.17
N VAL A 45 20.02 -14.83 0.13
CA VAL A 45 19.55 -14.13 1.33
C VAL A 45 19.47 -15.02 2.56
N PRO A 46 20.55 -15.67 2.98
CA PRO A 46 20.51 -16.41 4.24
C PRO A 46 20.60 -15.45 5.42
N ILE A 47 20.04 -15.88 6.54
CA ILE A 47 20.04 -15.10 7.78
C ILE A 47 20.85 -15.86 8.82
N MET A 48 21.73 -15.15 9.53
CA MET A 48 22.57 -15.75 10.56
C MET A 48 21.75 -15.85 11.84
N TYR A 49 21.13 -17.00 12.05
CA TYR A 49 20.28 -17.20 13.21
C TYR A 49 21.10 -17.45 14.47
N SER A 50 20.55 -17.05 15.60
CA SER A 50 21.12 -17.45 16.87
C SER A 50 20.88 -18.94 17.11
N GLU A 51 21.68 -19.51 18.03
CA GLU A 51 21.47 -20.91 18.39
C GLU A 51 20.06 -21.14 18.93
N GLU A 52 19.56 -20.19 19.73
CA GLU A 52 18.24 -20.35 20.33
C GLU A 52 17.14 -20.36 19.27
N TYR A 53 17.25 -19.47 18.28
CA TYR A 53 16.21 -19.39 17.26
C TYR A 53 16.26 -20.57 16.30
N LYS A 54 17.47 -21.00 15.92
CA LYS A 54 17.59 -22.17 15.05
C LYS A 54 17.13 -23.43 15.75
N ASP A 55 17.45 -23.58 17.04
CA ASP A 55 17.06 -24.77 17.78
C ASP A 55 15.53 -24.87 17.87
N ALA A 56 14.87 -23.75 18.15
CA ALA A 56 13.41 -23.77 18.28
C ALA A 56 12.73 -24.10 16.96
N MET A 57 13.23 -23.54 15.86
CA MET A 57 12.64 -23.84 14.56
C MET A 57 12.94 -25.26 14.11
N ASP A 58 14.10 -25.81 14.49
CA ASP A 58 14.39 -27.20 14.18
C ASP A 58 13.34 -28.12 14.78
N TYR A 59 13.04 -27.95 16.07
CA TYR A 59 12.05 -28.80 16.72
C TYR A 59 10.63 -28.43 16.31
N PHE A 60 10.40 -27.16 15.94
CA PHE A 60 9.08 -26.81 15.42
C PHE A 60 8.81 -27.51 14.08
N ARG A 61 9.83 -27.62 13.24
CA ARG A 61 9.68 -28.34 11.98
C ARG A 61 9.28 -29.80 12.24
N ALA A 62 9.80 -30.38 13.32
CA ALA A 62 9.42 -31.76 13.65
C ALA A 62 8.02 -31.81 14.25
N ILE A 63 7.69 -30.87 15.14
CA ILE A 63 6.36 -30.83 15.74
C ILE A 63 5.29 -30.70 14.66
N ALA A 64 5.50 -29.78 13.72
CA ALA A 64 4.54 -29.61 12.64
C ALA A 64 4.53 -30.80 11.69
N ALA A 65 5.66 -31.50 11.55
CA ALA A 65 5.71 -32.67 10.69
C ALA A 65 4.84 -33.79 11.25
N LYS A 66 4.97 -34.07 12.55
CA LYS A 66 4.14 -35.08 13.19
C LYS A 66 2.76 -34.54 13.57
N GLU A 67 2.49 -33.26 13.29
CA GLU A 67 1.19 -32.64 13.55
C GLU A 67 0.81 -32.76 15.03
N GLU A 68 1.79 -32.59 15.91
CA GLU A 68 1.55 -32.72 17.34
C GLU A 68 0.82 -31.50 17.88
N LYS A 69 -0.27 -31.74 18.60
CA LYS A 69 -1.05 -30.69 19.26
C LYS A 69 -0.90 -30.93 20.76
N SER A 70 -0.06 -30.13 21.42
CA SER A 70 0.30 -30.41 22.80
C SER A 70 0.65 -29.12 23.51
N GLU A 71 0.91 -29.23 24.82
CA GLU A 71 1.32 -28.09 25.61
C GLU A 71 2.75 -27.68 25.31
N ARG A 72 3.63 -28.64 25.05
CA ARG A 72 5.00 -28.30 24.70
C ARG A 72 5.06 -27.62 23.33
N ALA A 73 4.21 -28.06 22.40
CA ALA A 73 4.10 -27.37 21.12
C ALA A 73 3.59 -25.94 21.32
N LEU A 74 2.67 -25.77 22.28
CA LEU A 74 2.17 -24.43 22.58
C LEU A 74 3.27 -23.55 23.15
N GLU A 75 4.03 -24.09 24.11
CA GLU A 75 5.17 -23.35 24.65
C GLU A 75 6.17 -23.01 23.55
N LEU A 76 6.41 -23.95 22.63
CA LEU A 76 7.40 -23.73 21.59
C LEU A 76 6.97 -22.61 20.64
N THR A 77 5.68 -22.53 20.34
CA THR A 77 5.20 -21.46 19.46
C THR A 77 5.38 -20.09 20.12
N GLU A 78 5.15 -20.01 21.44
CA GLU A 78 5.31 -18.73 22.13
C GLU A 78 6.77 -18.30 22.15
N ILE A 79 7.69 -19.22 22.38
CA ILE A 79 9.11 -18.90 22.37
C ILE A 79 9.52 -18.37 21.00
N ILE A 80 8.98 -18.96 19.95
CA ILE A 80 9.37 -18.57 18.60
C ILE A 80 8.82 -17.20 18.24
N VAL A 81 7.55 -16.93 18.57
CA VAL A 81 6.96 -15.64 18.22
C VAL A 81 7.47 -14.52 19.10
N ARG A 82 8.09 -14.83 20.24
CA ARG A 82 8.77 -13.80 21.01
C ARG A 82 10.05 -13.36 20.32
N MET A 83 10.72 -14.26 19.61
CA MET A 83 11.92 -13.90 18.87
C MET A 83 11.59 -13.29 17.51
N ASN A 84 10.51 -13.74 16.88
CA ASN A 84 10.09 -13.23 15.57
C ASN A 84 8.58 -13.09 15.56
N PRO A 85 8.06 -11.93 15.96
CA PRO A 85 6.60 -11.75 15.99
C PRO A 85 5.94 -11.78 14.63
N ALA A 86 6.70 -11.80 13.53
CA ALA A 86 6.15 -11.76 12.19
C ALA A 86 6.07 -13.14 11.53
N HIS A 87 6.32 -14.20 12.28
CA HIS A 87 6.35 -15.56 11.72
C HIS A 87 4.91 -16.07 11.61
N TYR A 88 4.31 -15.86 10.44
CA TYR A 88 2.88 -16.14 10.28
C TYR A 88 2.57 -17.63 10.34
N THR A 89 3.52 -18.48 9.93
CA THR A 89 3.29 -19.93 10.01
C THR A 89 3.15 -20.38 11.46
N VAL A 90 4.01 -19.87 12.34
CA VAL A 90 3.94 -20.25 13.75
C VAL A 90 2.68 -19.70 14.40
N TRP A 91 2.25 -18.50 13.99
CA TRP A 91 1.00 -17.97 14.51
C TRP A 91 -0.20 -18.82 14.07
N GLN A 92 -0.16 -19.32 12.84
CA GLN A 92 -1.24 -20.19 12.38
C GLN A 92 -1.27 -21.49 13.17
N TYR A 93 -0.10 -22.08 13.42
CA TYR A 93 -0.04 -23.30 14.22
C TYR A 93 -0.47 -23.02 15.66
N ARG A 94 -0.12 -21.86 16.20
CA ARG A 94 -0.48 -21.55 17.58
C ARG A 94 -2.00 -21.45 17.74
N PHE A 95 -2.67 -20.75 16.82
CA PHE A 95 -4.12 -20.67 16.91
C PHE A 95 -4.77 -22.03 16.70
N SER A 96 -4.17 -22.88 15.87
CA SER A 96 -4.66 -24.24 15.74
C SER A 96 -4.45 -25.03 17.03
N LEU A 97 -3.41 -24.72 17.79
CA LEU A 97 -3.17 -25.38 19.07
C LEU A 97 -4.21 -24.97 20.11
N LEU A 98 -4.57 -23.68 20.13
CA LEU A 98 -5.49 -23.18 21.14
C LEU A 98 -6.89 -23.78 20.96
N THR A 99 -7.33 -23.96 19.72
CA THR A 99 -8.67 -24.48 19.49
C THR A 99 -8.72 -26.00 19.65
N SER A 100 -7.65 -26.70 19.26
CA SER A 100 -7.63 -28.15 19.40
C SER A 100 -7.61 -28.57 20.86
N LEU A 101 -6.81 -27.87 21.67
CA LEU A 101 -6.68 -28.20 23.09
C LEU A 101 -7.70 -27.47 23.96
N ASN A 102 -8.63 -26.74 23.34
CA ASN A 102 -9.68 -26.02 24.06
C ASN A 102 -9.09 -25.12 25.15
N LYS A 103 -8.01 -24.43 24.81
CA LYS A 103 -7.32 -23.58 25.77
C LYS A 103 -8.14 -22.33 26.09
N SER A 104 -7.79 -21.69 27.20
CA SER A 104 -8.47 -20.47 27.62
C SER A 104 -8.09 -19.33 26.68
N LEU A 105 -9.04 -18.95 25.81
CA LEU A 105 -8.79 -17.83 24.92
C LEU A 105 -8.74 -16.50 25.66
N GLU A 106 -9.29 -16.44 26.86
CA GLU A 106 -9.16 -15.23 27.68
C GLU A 106 -7.74 -15.09 28.22
N ASP A 107 -7.14 -16.20 28.64
CA ASP A 107 -5.73 -16.17 29.06
C ASP A 107 -4.83 -15.77 27.90
N GLU A 108 -5.16 -16.22 26.69
CA GLU A 108 -4.36 -15.86 25.52
C GLU A 108 -4.44 -14.36 25.24
N LEU A 109 -5.58 -13.74 25.53
CA LEU A 109 -5.69 -12.29 25.40
C LEU A 109 -4.81 -11.58 26.42
N ARG A 110 -4.71 -12.12 27.64
CA ARG A 110 -3.81 -11.55 28.63
C ARG A 110 -2.35 -11.66 28.18
N LEU A 111 -2.00 -12.76 27.51
CA LEU A 111 -0.66 -12.89 26.94
C LEU A 111 -0.46 -11.88 25.82
N MET A 112 -1.49 -11.65 25.00
CA MET A 112 -1.38 -10.67 23.93
C MET A 112 -1.26 -9.25 24.48
N ASN A 113 -1.80 -9.01 25.68
CA ASN A 113 -1.61 -7.71 26.31
C ASN A 113 -0.14 -7.49 26.67
N GLU A 114 0.53 -8.52 27.18
CA GLU A 114 1.95 -8.43 27.48
C GLU A 114 2.77 -8.27 26.20
N PHE A 115 2.34 -8.89 25.10
CA PHE A 115 3.08 -8.78 23.84
C PHE A 115 3.11 -7.35 23.33
N ALA A 116 2.06 -6.58 23.58
CA ALA A 116 2.08 -5.17 23.20
C ALA A 116 2.90 -4.34 24.20
N VAL A 117 2.90 -4.72 25.47
CA VAL A 117 3.70 -4.03 26.47
C VAL A 117 5.19 -4.12 26.11
N GLN A 118 5.66 -5.32 25.81
CA GLN A 118 7.05 -5.56 25.47
C GLN A 118 7.36 -5.30 23.99
N ASN A 119 6.44 -4.62 23.29
CA ASN A 119 6.64 -4.19 21.91
C ASN A 119 6.92 -5.36 20.97
N LEU A 120 6.07 -6.39 21.07
CA LEU A 120 6.06 -7.50 20.12
C LEU A 120 4.81 -7.32 19.26
N LYS A 121 4.99 -6.77 18.06
CA LYS A 121 3.87 -6.32 17.24
C LYS A 121 4.11 -6.64 15.78
N SER A 122 3.01 -6.85 15.05
CA SER A 122 3.03 -7.11 13.62
C SER A 122 1.61 -7.22 13.07
N TYR A 123 1.50 -7.47 11.75
CA TYR A 123 0.21 -7.87 11.18
C TYR A 123 -0.31 -9.12 11.87
N GLN A 124 0.59 -10.04 12.24
CA GLN A 124 0.20 -11.35 12.72
C GLN A 124 -0.32 -11.31 14.15
N VAL A 125 0.28 -10.46 15.00
CA VAL A 125 -0.18 -10.34 16.38
C VAL A 125 -1.57 -9.69 16.41
N TRP A 126 -1.78 -8.69 15.56
CA TRP A 126 -3.08 -8.03 15.51
C TRP A 126 -4.15 -8.97 14.96
N HIS A 127 -3.81 -9.75 13.93
CA HIS A 127 -4.77 -10.71 13.39
C HIS A 127 -5.07 -11.82 14.39
N HIS A 128 -4.07 -12.23 15.17
CA HIS A 128 -4.30 -13.24 16.20
C HIS A 128 -5.32 -12.75 17.23
N ARG A 129 -5.22 -11.48 17.62
CA ARG A 129 -6.17 -10.92 18.56
C ARG A 129 -7.58 -10.88 17.97
N LEU A 130 -7.68 -10.59 16.67
CA LEU A 130 -8.99 -10.58 16.02
C LEU A 130 -9.60 -11.98 15.99
N LEU A 131 -8.79 -12.99 15.65
CA LEU A 131 -9.29 -14.36 15.65
C LEU A 131 -9.75 -14.78 17.05
N LEU A 132 -9.10 -14.26 18.09
CA LEU A 132 -9.52 -14.57 19.45
C LEU A 132 -10.89 -13.97 19.75
N LEU A 133 -11.05 -12.67 19.49
CA LEU A 133 -12.33 -12.02 19.73
C LEU A 133 -13.44 -12.67 18.90
N ASP A 134 -13.12 -13.07 17.66
CA ASP A 134 -14.11 -13.73 16.82
C ASP A 134 -14.57 -15.04 17.43
N ARG A 135 -13.64 -15.85 17.95
CA ARG A 135 -14.02 -17.15 18.48
C ARG A 135 -14.62 -17.05 19.88
N ILE A 136 -14.07 -16.18 20.72
CA ILE A 136 -14.71 -15.91 22.01
C ILE A 136 -16.14 -15.44 21.80
N SER A 137 -16.34 -14.54 20.84
CA SER A 137 -17.64 -13.97 20.53
C SER A 137 -18.34 -13.47 21.80
N PRO A 138 -17.72 -12.55 22.54
CA PRO A 138 -18.30 -12.14 23.82
C PRO A 138 -19.65 -11.47 23.62
N GLN A 139 -20.52 -11.62 24.63
CA GLN A 139 -21.82 -10.99 24.57
C GLN A 139 -21.70 -9.47 24.54
N ASP A 140 -20.71 -8.92 25.23
CA ASP A 140 -20.45 -7.48 25.22
C ASP A 140 -18.96 -7.25 25.04
N PRO A 141 -18.52 -6.68 23.92
CA PRO A 141 -17.08 -6.48 23.71
C PRO A 141 -16.58 -5.15 24.25
N VAL A 142 -17.20 -4.64 25.31
CA VAL A 142 -16.86 -3.32 25.82
C VAL A 142 -15.45 -3.30 26.40
N SER A 143 -15.04 -4.41 27.02
CA SER A 143 -13.69 -4.47 27.60
C SER A 143 -12.62 -4.39 26.52
N GLU A 144 -12.87 -5.02 25.37
CA GLU A 144 -11.90 -4.97 24.28
C GLU A 144 -11.87 -3.59 23.63
N ILE A 145 -13.03 -2.95 23.49
CA ILE A 145 -13.07 -1.58 22.97
C ILE A 145 -12.26 -0.65 23.86
N GLU A 146 -12.36 -0.82 25.18
CA GLU A 146 -11.63 0.03 26.11
C GLU A 146 -10.12 -0.20 25.99
N TYR A 147 -9.71 -1.46 25.84
CA TYR A 147 -8.28 -1.75 25.70
C TYR A 147 -7.72 -1.11 24.44
N ILE A 148 -8.49 -1.14 23.35
CA ILE A 148 -8.03 -0.54 22.10
C ILE A 148 -7.84 0.96 22.27
N HIS A 149 -8.76 1.61 22.98
CA HIS A 149 -8.62 3.04 23.24
C HIS A 149 -7.35 3.33 24.01
N GLY A 150 -7.09 2.58 25.08
CA GLY A 150 -5.90 2.80 25.87
C GLY A 150 -4.62 2.48 25.13
N SER A 151 -4.64 1.47 24.26
CA SER A 151 -3.44 1.07 23.53
C SER A 151 -2.97 2.11 22.53
N LEU A 152 -3.79 3.11 22.23
CA LEU A 152 -3.40 4.19 21.33
C LEU A 152 -2.55 5.25 22.01
N LEU A 153 -2.18 5.06 23.28
CA LEU A 153 -1.33 6.04 23.97
C LEU A 153 0.04 6.17 23.32
N PRO A 154 0.80 5.09 23.07
CA PRO A 154 2.12 5.28 22.45
C PRO A 154 2.04 5.69 20.99
N ASP A 155 0.98 5.31 20.27
CA ASP A 155 0.84 5.64 18.85
C ASP A 155 -0.62 5.96 18.56
N PRO A 156 -1.00 7.24 18.55
CA PRO A 156 -2.39 7.60 18.28
C PRO A 156 -2.83 7.37 16.85
N LYS A 157 -1.93 7.01 15.95
CA LYS A 157 -2.25 6.86 14.53
C LYS A 157 -1.92 5.46 14.01
N ASN A 158 -1.69 4.49 14.89
CA ASN A 158 -1.41 3.13 14.49
C ASN A 158 -2.49 2.61 13.55
N TYR A 159 -2.10 2.32 12.31
CA TYR A 159 -3.08 1.95 11.28
C TYR A 159 -3.77 0.63 11.61
N HIS A 160 -3.00 -0.36 12.07
CA HIS A 160 -3.59 -1.65 12.42
C HIS A 160 -4.63 -1.50 13.52
N THR A 161 -4.35 -0.65 14.51
CA THR A 161 -5.28 -0.47 15.62
C THR A 161 -6.58 0.16 15.16
N TRP A 162 -6.51 1.19 14.32
CA TRP A 162 -7.72 1.84 13.82
C TRP A 162 -8.54 0.88 12.96
N ALA A 163 -7.87 0.07 12.13
CA ALA A 163 -8.59 -0.91 11.33
C ALA A 163 -9.24 -1.98 12.19
N TYR A 164 -8.54 -2.42 13.25
CA TYR A 164 -9.11 -3.40 14.16
C TYR A 164 -10.34 -2.84 14.87
N LEU A 165 -10.28 -1.57 15.28
CA LEU A 165 -11.44 -0.93 15.90
C LEU A 165 -12.63 -0.89 14.95
N HIS A 166 -12.38 -0.61 13.66
CA HIS A 166 -13.44 -0.66 12.66
C HIS A 166 -14.05 -2.06 12.59
N TRP A 167 -13.20 -3.09 12.56
CA TRP A 167 -13.72 -4.46 12.46
C TRP A 167 -14.54 -4.84 13.69
N LEU A 168 -14.05 -4.46 14.88
CA LEU A 168 -14.73 -4.83 16.12
C LEU A 168 -16.16 -4.29 16.14
N TYR A 169 -16.32 -3.00 15.82
CA TYR A 169 -17.66 -2.43 15.81
C TYR A 169 -18.51 -2.99 14.67
N SER A 170 -17.90 -3.22 13.51
CA SER A 170 -18.66 -3.75 12.37
C SER A 170 -19.09 -5.18 12.61
N HIS A 171 -18.18 -6.01 13.13
CA HIS A 171 -18.48 -7.43 13.35
C HIS A 171 -19.54 -7.61 14.41
N PHE A 172 -19.36 -6.99 15.57
CA PHE A 172 -20.29 -7.21 16.67
C PHE A 172 -21.60 -6.42 16.52
N SER A 173 -21.64 -5.39 15.66
CA SER A 173 -22.92 -4.78 15.34
C SER A 173 -23.70 -5.65 14.36
N THR A 174 -23.00 -6.43 13.53
CA THR A 174 -23.69 -7.43 12.70
C THR A 174 -24.44 -8.44 13.55
N LEU A 175 -23.88 -8.79 14.72
CA LEU A 175 -24.54 -9.69 15.65
C LEU A 175 -25.54 -8.98 16.55
N GLY A 176 -25.65 -7.65 16.44
CA GLY A 176 -26.61 -6.92 17.24
C GLY A 176 -26.17 -6.61 18.65
N ARG A 177 -24.86 -6.60 18.91
CA ARG A 177 -24.35 -6.50 20.27
C ARG A 177 -23.77 -5.13 20.59
N ILE A 178 -23.93 -4.15 19.72
CA ILE A 178 -23.51 -2.79 19.99
C ILE A 178 -24.75 -1.97 20.29
N SER A 179 -24.90 -1.55 21.54
CA SER A 179 -26.06 -0.80 21.96
C SER A 179 -25.94 0.67 21.55
N GLU A 180 -27.05 1.40 21.68
CA GLU A 180 -27.05 2.82 21.36
C GLU A 180 -26.15 3.59 22.31
N ALA A 181 -26.10 3.20 23.58
CA ALA A 181 -25.21 3.86 24.53
C ALA A 181 -23.75 3.62 24.17
N GLN A 182 -23.42 2.45 23.61
CA GLN A 182 -22.04 2.19 23.21
C GLN A 182 -21.65 3.06 22.02
N TRP A 183 -22.53 3.18 21.02
CA TRP A 183 -22.27 4.10 19.92
C TRP A 183 -22.09 5.53 20.42
N GLY A 184 -22.87 5.92 21.42
CA GLY A 184 -22.81 7.31 21.89
C GLY A 184 -21.52 7.63 22.61
N SER A 185 -21.06 6.73 23.48
CA SER A 185 -19.80 6.97 24.17
C SER A 185 -18.61 6.85 23.21
N GLU A 186 -18.76 6.07 22.13
CA GLU A 186 -17.68 5.97 21.15
C GLU A 186 -17.49 7.28 20.41
N LEU A 187 -18.60 7.97 20.09
CA LEU A 187 -18.48 9.30 19.51
C LEU A 187 -17.90 10.30 20.50
N ASP A 188 -18.27 10.16 21.78
CA ASP A 188 -17.66 11.00 22.82
C ASP A 188 -16.15 10.82 22.85
N TRP A 189 -15.68 9.57 22.79
CA TRP A 189 -14.24 9.30 22.79
C TRP A 189 -13.60 9.82 21.51
N CYS A 190 -14.27 9.65 20.38
CA CYS A 190 -13.73 10.16 19.12
C CYS A 190 -13.64 11.68 19.14
N ASN A 191 -14.66 12.34 19.70
CA ASN A 191 -14.63 13.80 19.81
C ASN A 191 -13.47 14.26 20.69
N GLU A 192 -13.15 13.50 21.74
CA GLU A 192 -12.04 13.87 22.60
C GLU A 192 -10.70 13.70 21.88
N MET A 193 -10.58 12.65 21.05
CA MET A 193 -9.34 12.44 20.30
C MET A 193 -9.05 13.62 19.39
N LEU A 194 -10.06 14.10 18.66
CA LEU A 194 -9.87 15.25 17.80
C LEU A 194 -9.66 16.53 18.60
N ARG A 195 -10.10 16.58 19.85
CA ARG A 195 -9.82 17.74 20.70
C ARG A 195 -8.34 17.78 21.08
N VAL A 196 -7.75 16.62 21.39
CA VAL A 196 -6.34 16.58 21.76
C VAL A 196 -5.46 16.88 20.55
N ASP A 197 -5.83 16.35 19.38
CA ASP A 197 -5.06 16.60 18.15
C ASP A 197 -6.04 16.57 16.98
N GLY A 198 -6.49 17.76 16.57
CA GLY A 198 -7.39 17.87 15.44
C GLY A 198 -6.80 17.48 14.11
N ARG A 199 -5.49 17.25 14.05
CA ARG A 199 -4.82 16.81 12.84
C ARG A 199 -4.70 15.29 12.75
N ASN A 200 -5.33 14.56 13.67
CA ASN A 200 -5.31 13.11 13.62
C ASN A 200 -6.30 12.65 12.54
N ASN A 201 -5.78 12.41 11.34
CA ASN A 201 -6.64 12.00 10.24
C ASN A 201 -7.27 10.63 10.46
N SER A 202 -6.69 9.81 11.34
CA SER A 202 -7.30 8.53 11.67
C SER A 202 -8.59 8.73 12.46
N ALA A 203 -8.59 9.68 13.41
CA ALA A 203 -9.80 9.96 14.17
C ALA A 203 -10.88 10.59 13.30
N TRP A 204 -10.47 11.40 12.32
CA TRP A 204 -11.44 11.90 11.35
C TRP A 204 -12.08 10.76 10.58
N GLY A 205 -11.29 9.76 10.19
CA GLY A 205 -11.85 8.62 9.49
C GLY A 205 -12.78 7.81 10.37
N TRP A 206 -12.46 7.72 11.65
CA TRP A 206 -13.35 7.03 12.59
C TRP A 206 -14.66 7.78 12.75
N ARG A 207 -14.61 9.11 12.82
CA ARG A 207 -15.84 9.90 12.89
C ARG A 207 -16.70 9.66 11.65
N TRP A 208 -16.08 9.50 10.49
CA TRP A 208 -16.84 9.23 9.27
C TRP A 208 -17.60 7.91 9.39
N TYR A 209 -16.98 6.90 10.01
CA TYR A 209 -17.69 5.64 10.23
C TYR A 209 -18.85 5.83 11.21
N LEU A 210 -18.59 6.49 12.34
CA LEU A 210 -19.63 6.66 13.35
C LEU A 210 -20.79 7.48 12.82
N ARG A 211 -20.50 8.52 12.04
CA ARG A 211 -21.52 9.49 11.66
C ARG A 211 -22.13 9.23 10.28
N VAL A 212 -21.39 8.65 9.34
CA VAL A 212 -21.85 8.61 7.95
C VAL A 212 -21.99 7.19 7.43
N SER A 213 -20.92 6.41 7.49
CA SER A 213 -20.86 5.18 6.69
C SER A 213 -21.47 3.97 7.36
N ARG A 214 -21.44 3.88 8.70
CA ARG A 214 -21.95 2.68 9.36
C ARG A 214 -23.43 2.52 9.07
N PRO A 215 -23.91 1.28 8.91
CA PRO A 215 -25.28 1.08 8.42
C PRO A 215 -26.35 1.59 9.37
N GLY A 216 -26.08 1.65 10.66
CA GLY A 216 -27.05 2.13 11.63
C GLY A 216 -27.08 3.63 11.83
N ALA A 217 -26.32 4.38 11.04
CA ALA A 217 -26.23 5.82 11.25
C ALA A 217 -27.54 6.52 10.90
N GLU A 218 -27.79 7.64 11.59
CA GLU A 218 -28.97 8.44 11.33
C GLU A 218 -28.68 9.48 10.25
N THR A 219 -29.60 9.60 9.30
CA THR A 219 -29.51 10.60 8.23
C THR A 219 -30.80 11.41 8.27
N SER A 220 -30.77 12.52 9.00
CA SER A 220 -31.90 13.43 9.12
C SER A 220 -31.42 14.85 8.87
N SER A 221 -32.35 15.80 8.92
CA SER A 221 -31.99 17.20 8.69
C SER A 221 -31.16 17.74 9.85
N ARG A 222 -31.45 17.32 11.08
CA ARG A 222 -30.67 17.82 12.21
C ARG A 222 -29.25 17.26 12.20
N SER A 223 -29.10 15.99 11.83
CA SER A 223 -27.77 15.38 11.82
C SER A 223 -26.88 16.02 10.76
N LEU A 224 -27.45 16.34 9.59
CA LEU A 224 -26.69 17.03 8.56
C LEU A 224 -26.26 18.42 9.02
N GLN A 225 -27.15 19.12 9.73
CA GLN A 225 -26.78 20.42 10.29
C GLN A 225 -25.72 20.27 11.38
N ASP A 226 -25.92 19.31 12.28
CA ASP A 226 -24.96 19.07 13.35
C ASP A 226 -23.58 18.75 12.79
N GLU A 227 -23.52 17.87 11.80
CA GLU A 227 -22.24 17.48 11.24
C GLU A 227 -21.57 18.68 10.54
N LEU A 228 -22.36 19.45 9.79
CA LEU A 228 -21.80 20.61 9.10
C LEU A 228 -21.28 21.66 10.09
N ILE A 229 -21.91 21.79 11.25
CA ILE A 229 -21.43 22.72 12.26
C ILE A 229 -20.09 22.25 12.83
N TYR A 230 -19.96 20.95 13.09
CA TYR A 230 -18.72 20.42 13.62
C TYR A 230 -17.57 20.59 12.62
N ILE A 231 -17.86 20.46 11.32
CA ILE A 231 -16.82 20.57 10.31
C ILE A 231 -16.34 22.02 10.20
N LEU A 232 -17.28 22.96 10.11
CA LEU A 232 -16.90 24.37 9.95
C LEU A 232 -16.16 24.88 11.18
N LYS A 233 -16.60 24.50 12.37
CA LYS A 233 -15.88 24.88 13.58
C LYS A 233 -14.47 24.32 13.59
N SER A 234 -14.30 23.08 13.12
CA SER A 234 -12.97 22.47 13.08
C SER A 234 -12.07 23.20 12.08
N ILE A 235 -12.63 23.66 10.97
CA ILE A 235 -11.85 24.44 10.01
C ILE A 235 -11.46 25.78 10.62
N HIS A 236 -12.43 26.46 11.26
CA HIS A 236 -12.13 27.77 11.84
C HIS A 236 -11.11 27.67 12.95
N LEU A 237 -11.06 26.53 13.65
CA LEU A 237 -10.02 26.33 14.66
C LEU A 237 -8.65 26.12 14.01
N ILE A 238 -8.58 25.26 12.99
CA ILE A 238 -7.33 24.97 12.29
C ILE A 238 -7.53 25.14 10.79
N PRO A 239 -7.49 26.37 10.26
CA PRO A 239 -7.83 26.58 8.85
C PRO A 239 -6.89 25.90 7.85
N HIS A 240 -5.69 25.51 8.28
CA HIS A 240 -4.77 24.81 7.39
C HIS A 240 -4.77 23.31 7.61
N ASN A 241 -5.76 22.78 8.32
CA ASN A 241 -5.86 21.34 8.56
C ASN A 241 -6.48 20.68 7.34
N VAL A 242 -5.67 19.89 6.62
CA VAL A 242 -6.15 19.21 5.42
C VAL A 242 -7.22 18.18 5.76
N SER A 243 -7.12 17.55 6.93
CA SER A 243 -8.11 16.55 7.33
C SER A 243 -9.51 17.14 7.37
N ALA A 244 -9.65 18.35 7.92
CA ALA A 244 -10.97 18.97 8.00
C ALA A 244 -11.49 19.35 6.63
N TRP A 245 -10.60 19.84 5.75
CA TRP A 245 -11.03 20.22 4.40
C TRP A 245 -11.48 19.01 3.58
N ASN A 246 -10.75 17.90 3.68
CA ASN A 246 -11.14 16.69 2.96
C ASN A 246 -12.44 16.11 3.52
N TYR A 247 -12.60 16.12 4.84
CA TYR A 247 -13.85 15.68 5.43
C TYR A 247 -15.02 16.53 4.94
N LEU A 248 -14.78 17.84 4.78
CA LEU A 248 -15.84 18.72 4.29
C LEU A 248 -16.22 18.38 2.85
N ARG A 249 -15.22 18.18 1.99
CA ARG A 249 -15.51 17.91 0.58
C ARG A 249 -16.16 16.54 0.40
N GLY A 250 -15.73 15.55 1.18
CA GLY A 250 -16.40 14.26 1.13
C GLY A 250 -17.81 14.31 1.67
N PHE A 251 -18.05 15.13 2.70
CA PHE A 251 -19.39 15.26 3.27
C PHE A 251 -20.37 15.81 2.25
N LEU A 252 -20.04 16.95 1.65
CA LEU A 252 -20.93 17.57 0.67
C LEU A 252 -21.15 16.65 -0.53
N LYS A 253 -20.09 15.97 -0.97
CA LYS A 253 -20.21 15.09 -2.13
C LYS A 253 -21.06 13.86 -1.83
N HIS A 254 -20.85 13.25 -0.66
CA HIS A 254 -21.59 12.04 -0.32
C HIS A 254 -23.08 12.30 -0.21
N PHE A 255 -23.48 13.46 0.34
CA PHE A 255 -24.87 13.78 0.53
C PHE A 255 -25.42 14.72 -0.54
N SER A 256 -24.68 14.93 -1.62
CA SER A 256 -25.14 15.76 -2.75
C SER A 256 -25.56 17.15 -2.29
N LEU A 257 -24.82 17.71 -1.35
CA LEU A 257 -25.15 19.05 -0.88
C LEU A 257 -24.41 20.11 -1.70
N PRO A 258 -25.08 21.21 -2.02
CA PRO A 258 -24.43 22.26 -2.81
C PRO A 258 -23.36 22.99 -2.02
N LEU A 259 -22.38 23.51 -2.74
CA LEU A 259 -21.26 24.23 -2.13
C LEU A 259 -21.54 25.71 -1.96
N VAL A 260 -22.37 26.30 -2.81
CA VAL A 260 -22.59 27.75 -2.77
C VAL A 260 -23.11 28.24 -1.44
N PRO A 261 -24.14 27.62 -0.82
CA PRO A 261 -24.65 28.18 0.45
C PRO A 261 -23.61 28.33 1.53
N ILE A 262 -22.64 27.41 1.62
CA ILE A 262 -21.61 27.45 2.66
C ILE A 262 -20.49 28.43 2.35
N LEU A 263 -20.44 28.95 1.12
CA LEU A 263 -19.33 29.80 0.69
C LEU A 263 -19.04 30.98 1.60
N PRO A 264 -20.02 31.66 2.23
CA PRO A 264 -19.67 32.77 3.13
C PRO A 264 -18.71 32.38 4.23
N ALA A 265 -18.75 31.13 4.71
CA ALA A 265 -17.79 30.70 5.71
C ALA A 265 -16.43 30.35 5.13
N ILE A 266 -16.28 30.30 3.81
CA ILE A 266 -15.04 29.84 3.19
C ILE A 266 -14.30 31.02 2.58
N LEU A 267 -15.06 31.99 2.07
CA LEU A 267 -14.46 33.12 1.37
C LEU A 267 -13.40 33.89 2.17
N PRO A 268 -13.53 34.09 3.50
CA PRO A 268 -12.46 34.79 4.24
C PRO A 268 -11.09 34.14 4.13
N TYR A 269 -11.03 32.87 3.69
CA TYR A 269 -9.77 32.15 3.56
C TYR A 269 -9.20 32.20 2.16
N THR A 270 -9.83 32.90 1.23
CA THR A 270 -9.40 32.95 -0.16
C THR A 270 -8.65 34.23 -0.51
N ALA A 271 -8.55 35.18 0.42
CA ALA A 271 -7.83 36.44 0.19
C ALA A 271 -8.33 37.18 -1.04
N PHE A 284 -27.28 33.68 7.28
CA PHE A 284 -26.39 32.53 7.26
C PHE A 284 -26.24 31.95 8.66
N GLY A 285 -26.89 30.80 8.90
CA GLY A 285 -26.91 30.20 10.21
C GLY A 285 -25.92 29.06 10.42
N PHE A 286 -24.68 29.26 9.98
CA PHE A 286 -23.60 28.30 10.17
C PHE A 286 -22.36 29.04 10.63
N PRO A 287 -21.43 28.35 11.31
CA PRO A 287 -20.29 29.04 11.92
C PRO A 287 -19.46 29.85 10.93
N MET A 288 -18.70 30.79 11.47
CA MET A 288 -17.95 31.77 10.71
C MET A 288 -16.57 31.92 11.32
N PRO A 289 -15.60 32.41 10.55
CA PRO A 289 -14.26 32.65 11.09
C PRO A 289 -14.27 33.79 12.11
N SER A 290 -13.13 33.94 12.78
CA SER A 290 -12.99 34.96 13.81
C SER A 290 -12.86 36.34 13.16
N ASP A 291 -13.10 37.38 13.98
CA ASP A 291 -13.09 38.75 13.46
C ASP A 291 -11.74 39.11 12.88
N PRO A 292 -10.58 38.91 13.58
CA PRO A 292 -9.34 38.65 12.83
C PRO A 292 -9.03 37.17 12.87
N LEU A 293 -8.44 36.64 11.81
CA LEU A 293 -8.13 35.22 11.78
C LEU A 293 -7.06 34.91 12.84
N PRO A 294 -6.98 33.67 13.29
CA PRO A 294 -5.94 33.30 14.28
C PRO A 294 -4.56 33.62 13.74
N GLU A 295 -3.64 33.84 14.66
CA GLU A 295 -2.27 34.14 14.28
C GLU A 295 -1.66 32.95 13.55
N ASP A 296 -0.61 33.22 12.76
CA ASP A 296 0.06 32.21 11.95
C ASP A 296 -0.93 31.52 11.00
N THR A 297 -1.71 32.33 10.31
CA THR A 297 -2.69 31.85 9.33
C THR A 297 -2.49 32.61 8.02
N PRO A 298 -1.44 32.30 7.27
CA PRO A 298 -1.20 33.00 6.01
C PRO A 298 -2.28 32.69 4.98
N LEU A 299 -2.58 33.69 4.15
CA LEU A 299 -3.64 33.60 3.17
C LEU A 299 -3.07 33.69 1.76
N PRO A 300 -3.75 33.09 0.77
CA PRO A 300 -4.97 32.29 0.91
C PRO A 300 -4.72 30.82 1.22
N VAL A 301 -5.73 30.13 1.74
CA VAL A 301 -5.66 28.70 2.00
C VAL A 301 -5.91 27.97 0.68
N PRO A 302 -4.95 27.16 0.20
CA PRO A 302 -5.12 26.57 -1.14
C PRO A 302 -6.37 25.72 -1.30
N LEU A 303 -6.72 24.90 -0.30
CA LEU A 303 -7.94 24.12 -0.41
C LEU A 303 -9.19 24.99 -0.33
N ALA A 304 -9.10 26.17 0.27
CA ALA A 304 -10.22 27.12 0.19
C ALA A 304 -10.38 27.64 -1.23
N LEU A 305 -9.28 27.85 -1.95
CA LEU A 305 -9.37 28.22 -3.35
C LEU A 305 -9.98 27.11 -4.19
N GLU A 306 -9.61 25.86 -3.91
CA GLU A 306 -10.23 24.73 -4.60
C GLU A 306 -11.73 24.70 -4.36
N TYR A 307 -12.16 25.01 -3.13
CA TYR A 307 -13.59 25.10 -2.85
C TYR A 307 -14.23 26.19 -3.69
N LEU A 308 -13.59 27.36 -3.76
CA LEU A 308 -14.13 28.46 -4.57
C LEU A 308 -14.22 28.07 -6.04
N ALA A 309 -13.18 27.42 -6.56
CA ALA A 309 -13.18 27.01 -7.97
C ALA A 309 -14.31 26.03 -8.25
N ASP A 310 -14.47 25.03 -7.39
CA ASP A 310 -15.57 24.09 -7.55
C ASP A 310 -16.92 24.76 -7.36
N SER A 311 -16.99 25.74 -6.47
CA SER A 311 -18.22 26.52 -6.32
C SER A 311 -18.53 27.29 -7.59
N PHE A 312 -17.50 27.82 -8.26
CA PHE A 312 -17.70 28.46 -9.56
C PHE A 312 -18.23 27.47 -10.59
N ILE A 313 -17.70 26.25 -10.58
CA ILE A 313 -18.18 25.22 -11.51
C ILE A 313 -19.63 24.87 -11.19
N GLU A 314 -19.99 24.82 -9.90
CA GLU A 314 -21.38 24.55 -9.53
C GLU A 314 -22.31 25.62 -10.09
N GLN A 315 -21.87 26.87 -10.11
CA GLN A 315 -22.61 27.97 -10.72
C GLN A 315 -22.45 28.02 -12.24
N ASN A 316 -21.82 27.02 -12.84
CA ASN A 316 -21.62 26.94 -14.28
C ASN A 316 -20.76 28.11 -14.80
N ARG A 317 -19.88 28.63 -13.95
CA ARG A 317 -19.01 29.75 -14.30
C ARG A 317 -17.60 29.21 -14.52
N VAL A 318 -17.34 28.75 -15.75
CA VAL A 318 -16.09 28.05 -16.04
C VAL A 318 -14.91 29.00 -16.12
N ASP A 319 -15.11 30.22 -16.62
CA ASP A 319 -14.01 31.17 -16.72
C ASP A 319 -13.51 31.58 -15.34
N ASP A 320 -14.42 31.83 -14.41
CA ASP A 320 -14.01 32.18 -13.05
C ASP A 320 -13.31 31.00 -12.37
N ALA A 321 -13.77 29.79 -12.64
CA ALA A 321 -13.11 28.61 -12.08
C ALA A 321 -11.72 28.43 -12.68
N ALA A 322 -11.58 28.65 -13.99
CA ALA A 322 -10.27 28.51 -14.63
C ALA A 322 -9.28 29.55 -14.10
N LYS A 323 -9.77 30.73 -13.71
CA LYS A 323 -8.87 31.74 -13.17
C LYS A 323 -8.36 31.34 -11.79
N VAL A 324 -9.18 30.67 -10.99
CA VAL A 324 -8.73 30.21 -9.69
C VAL A 324 -7.71 29.08 -9.84
N PHE A 325 -7.99 28.13 -10.73
CA PHE A 325 -7.04 27.06 -10.98
C PHE A 325 -5.71 27.61 -11.50
N GLU A 326 -5.78 28.63 -12.35
CA GLU A 326 -4.56 29.25 -12.86
C GLU A 326 -3.73 29.85 -11.75
N LYS A 327 -4.37 30.50 -10.78
CA LYS A 327 -3.63 31.09 -9.66
C LYS A 327 -3.10 30.02 -8.72
N LEU A 328 -3.87 28.93 -8.53
CA LEU A 328 -3.35 27.81 -7.76
C LEU A 328 -2.12 27.20 -8.44
N SER A 329 -2.16 27.10 -9.77
CA SER A 329 -1.06 26.46 -10.49
C SER A 329 0.20 27.32 -10.48
N SER A 330 0.04 28.64 -10.56
CA SER A 330 1.19 29.52 -10.76
C SER A 330 1.65 30.24 -9.50
N GLU A 331 0.82 30.32 -8.45
CA GLU A 331 1.19 31.11 -7.29
C GLU A 331 1.05 30.37 -5.97
N TYR A 332 -0.14 29.83 -5.70
CA TYR A 332 -0.49 29.46 -4.32
C TYR A 332 -0.30 27.98 -4.01
N ASP A 333 -0.26 27.11 -5.02
CA ASP A 333 -0.02 25.68 -4.81
C ASP A 333 0.84 25.16 -5.96
N GLN A 334 2.07 25.68 -6.06
CA GLN A 334 2.90 25.43 -7.22
C GLN A 334 3.45 24.02 -7.27
N MET A 335 3.51 23.31 -6.13
CA MET A 335 3.95 21.91 -6.17
C MET A 335 3.01 21.07 -7.02
N ARG A 336 1.73 21.42 -7.06
CA ARG A 336 0.75 20.76 -7.91
C ARG A 336 0.42 21.59 -9.15
N ALA A 337 1.42 22.30 -9.69
CA ALA A 337 1.20 23.18 -10.82
C ALA A 337 0.66 22.42 -12.03
N GLY A 338 1.18 21.22 -12.27
CA GLY A 338 0.68 20.42 -13.37
C GLY A 338 -0.76 19.98 -13.16
N TYR A 339 -1.10 19.60 -11.93
CA TYR A 339 -2.47 19.15 -11.65
C TYR A 339 -3.46 20.30 -11.78
N TRP A 340 -3.15 21.45 -11.18
CA TRP A 340 -4.07 22.59 -11.26
C TRP A 340 -4.18 23.12 -12.69
N GLU A 341 -3.12 22.96 -13.48
CA GLU A 341 -3.20 23.32 -14.90
C GLU A 341 -4.11 22.37 -15.65
N PHE A 342 -4.04 21.06 -15.33
CA PHE A 342 -4.95 20.10 -15.93
C PHE A 342 -6.40 20.42 -15.58
N ARG A 343 -6.64 20.87 -14.35
CA ARG A 343 -7.99 21.29 -13.97
C ARG A 343 -8.39 22.57 -14.68
N ARG A 344 -7.43 23.47 -14.91
CA ARG A 344 -7.73 24.69 -15.65
C ARG A 344 -8.12 24.39 -17.10
N ARG A 345 -7.42 23.43 -17.72
CA ARG A 345 -7.70 23.10 -19.11
C ARG A 345 -9.06 22.43 -19.27
N GLU A 346 -9.52 21.68 -18.25
CA GLU A 346 -10.84 21.07 -18.34
C GLU A 346 -11.93 22.12 -18.49
N CYS A 347 -11.80 23.23 -17.77
CA CYS A 347 -12.81 24.29 -17.85
C CYS A 347 -12.78 25.03 -19.18
N ALA A 348 -11.69 24.93 -19.94
CA ALA A 348 -11.60 25.57 -21.23
C ALA A 348 -11.45 24.54 -22.35
N ALA B 2 9.80 20.50 -20.78
CA ALA B 2 9.00 19.49 -20.07
C ALA B 2 8.89 19.83 -18.59
N THR B 3 9.65 20.83 -18.15
CA THR B 3 9.69 21.23 -16.76
C THR B 3 8.87 22.49 -16.49
N GLU B 4 7.91 22.82 -17.36
CA GLU B 4 7.14 24.05 -17.20
C GLU B 4 6.29 24.01 -15.94
N PHE B 5 5.65 22.87 -15.66
CA PHE B 5 4.76 22.73 -14.52
C PHE B 5 5.34 21.82 -13.44
N THR B 6 6.65 21.55 -13.50
CA THR B 6 7.36 20.80 -12.47
C THR B 6 8.51 21.66 -11.95
N PRO B 7 8.21 22.66 -11.13
CA PRO B 7 9.29 23.53 -10.63
C PRO B 7 10.16 22.81 -9.61
N SER B 8 11.46 23.08 -9.68
CA SER B 8 12.39 22.56 -8.69
C SER B 8 12.07 23.11 -7.31
N VAL B 9 12.37 22.33 -6.28
CA VAL B 9 12.15 22.80 -4.92
C VAL B 9 13.13 23.91 -4.55
N TYR B 10 14.28 23.97 -5.23
CA TYR B 10 15.22 25.05 -5.00
C TYR B 10 14.74 26.37 -5.58
N SER B 11 13.80 26.34 -6.51
CA SER B 11 13.25 27.55 -7.11
C SER B 11 12.00 28.04 -6.41
N LEU B 12 11.49 27.31 -5.43
CA LEU B 12 10.30 27.68 -4.70
C LEU B 12 10.66 28.06 -3.26
N VAL B 13 9.88 28.96 -2.68
CA VAL B 13 10.11 29.39 -1.31
C VAL B 13 9.70 28.27 -0.35
N SER B 14 10.57 27.95 0.59
CA SER B 14 10.32 26.90 1.57
C SER B 14 9.84 27.55 2.86
N LYS B 15 8.58 27.31 3.20
CA LYS B 15 7.97 27.84 4.41
C LYS B 15 7.27 26.72 5.17
N PRO B 16 7.29 26.76 6.50
CA PRO B 16 6.73 25.66 7.28
C PRO B 16 5.21 25.59 7.16
N LEU B 17 4.67 24.46 7.61
CA LEU B 17 3.22 24.33 7.72
C LEU B 17 2.71 25.30 8.77
N PRO B 18 1.73 26.15 8.44
CA PRO B 18 1.22 27.11 9.43
C PRO B 18 0.58 26.42 10.63
N SER B 19 0.75 27.03 11.80
CA SER B 19 0.27 26.45 13.04
C SER B 19 -1.16 26.88 13.39
N ASN B 20 -1.58 28.06 12.94
CA ASN B 20 -2.87 28.65 13.33
C ASN B 20 -2.96 28.84 14.84
N SER B 21 -1.81 28.99 15.51
CA SER B 21 -1.74 29.12 16.96
C SER B 21 -2.39 27.93 17.66
N ARG B 22 -2.21 26.74 17.08
CA ARG B 22 -2.83 25.51 17.57
C ARG B 22 -1.79 24.40 17.60
N PRO B 23 -1.01 24.31 18.67
CA PRO B 23 -0.01 23.23 18.77
C PRO B 23 -0.69 21.87 18.92
N SER B 24 -0.03 20.85 18.36
CA SER B 24 -0.48 19.47 18.51
C SER B 24 0.70 18.56 18.22
N ALA B 25 0.54 17.29 18.58
CA ALA B 25 1.61 16.31 18.37
C ALA B 25 1.93 16.12 16.90
N THR B 26 0.91 16.19 16.04
CA THR B 26 1.15 16.09 14.60
C THR B 26 2.04 17.24 14.12
N LEU B 27 1.79 18.44 14.62
CA LEU B 27 2.58 19.60 14.20
C LEU B 27 4.00 19.55 14.76
N ASP B 28 4.17 19.01 15.96
CA ASP B 28 5.51 18.88 16.53
C ASP B 28 6.39 18.01 15.64
N GLU B 29 5.87 16.86 15.21
CA GLU B 29 6.65 15.96 14.37
C GLU B 29 6.80 16.51 12.95
N GLN B 30 5.77 17.22 12.46
CA GLN B 30 5.87 17.79 11.12
C GLN B 30 6.91 18.91 11.06
N ALA B 31 6.98 19.74 12.10
CA ALA B 31 7.96 20.81 12.13
C ALA B 31 9.38 20.26 12.30
N GLU B 32 9.53 19.16 13.02
CA GLU B 32 10.85 18.59 13.24
C GLU B 32 11.41 17.98 11.95
N THR B 33 10.56 17.28 11.20
CA THR B 33 11.00 16.68 9.95
C THR B 33 11.19 17.72 8.84
N GLU B 34 10.45 18.83 8.89
CA GLU B 34 10.69 19.92 7.96
C GLU B 34 12.10 20.49 8.14
N ASP B 35 12.51 20.72 9.38
CA ASP B 35 13.86 21.19 9.65
C ASP B 35 14.90 20.18 9.17
N LEU B 36 14.62 18.89 9.38
CA LEU B 36 15.59 17.85 9.04
C LEU B 36 15.78 17.77 7.52
N ILE B 37 14.70 17.86 6.77
CA ILE B 37 14.79 17.76 5.31
C ILE B 37 15.35 19.04 4.71
N SER B 38 14.90 20.19 5.21
CA SER B 38 15.36 21.47 4.65
C SER B 38 16.84 21.70 4.92
N GLN B 39 17.34 21.25 6.08
CA GLN B 39 18.76 21.40 6.37
C GLN B 39 19.61 20.64 5.36
N LEU B 40 19.20 19.42 5.01
CA LEU B 40 19.98 18.62 4.07
C LEU B 40 19.96 19.22 2.67
N PHE B 41 18.85 19.85 2.28
CA PHE B 41 18.82 20.54 1.00
C PHE B 41 19.74 21.75 1.00
N ASP B 42 19.79 22.49 2.11
CA ASP B 42 20.68 23.64 2.19
C ASP B 42 22.15 23.22 2.14
N LEU B 43 22.44 22.00 2.59
CA LEU B 43 23.80 21.46 2.52
C LEU B 43 24.14 20.84 1.17
N THR B 44 23.16 20.71 0.29
CA THR B 44 23.33 19.98 -0.97
C THR B 44 23.23 20.96 -2.15
N ALA B 45 24.15 20.82 -3.10
CA ALA B 45 24.12 21.64 -4.29
C ALA B 45 22.90 21.29 -5.14
N ASP B 46 22.26 22.32 -5.69
CA ASP B 46 21.11 22.15 -6.57
C ASP B 46 21.48 21.22 -7.72
N PRO B 47 20.84 20.05 -7.83
CA PRO B 47 21.20 19.12 -8.91
C PRO B 47 20.97 19.67 -10.30
N ASN B 48 20.13 20.70 -10.46
CA ASN B 48 19.89 21.32 -11.75
C ASN B 48 20.96 22.34 -12.13
N ALA B 49 22.02 22.47 -11.32
CA ALA B 49 23.08 23.41 -11.60
C ALA B 49 24.05 22.84 -12.64
N LEU B 50 24.66 23.73 -13.42
CA LEU B 50 25.56 23.30 -14.48
C LEU B 50 26.94 22.94 -13.95
N VAL B 51 27.42 23.68 -12.95
CA VAL B 51 28.67 23.37 -12.25
C VAL B 51 28.35 23.19 -10.78
N SER B 52 28.76 22.05 -10.23
CA SER B 52 28.50 21.75 -8.83
C SER B 52 29.15 22.80 -7.93
N GLU B 53 28.38 23.29 -6.97
CA GLU B 53 28.86 24.37 -6.11
C GLU B 53 29.95 23.88 -5.17
N HIS B 54 30.97 24.73 -4.99
CA HIS B 54 32.05 24.42 -4.07
C HIS B 54 31.57 24.54 -2.63
N GLY B 55 31.75 23.48 -1.85
CA GLY B 55 31.40 23.46 -0.44
C GLY B 55 30.15 22.67 -0.12
N LYS B 56 29.32 22.38 -1.11
CA LYS B 56 28.08 21.62 -0.92
C LYS B 56 28.31 20.16 -1.29
N ARG B 57 27.39 19.31 -0.82
CA ARG B 57 27.41 17.91 -1.19
C ARG B 57 26.86 17.73 -2.61
N TYR B 58 27.37 16.73 -3.31
CA TYR B 58 26.94 16.44 -4.67
C TYR B 58 25.86 15.36 -4.66
N SER B 59 24.75 15.63 -5.32
CA SER B 59 23.54 14.82 -5.19
C SER B 59 23.40 13.75 -6.24
N GLY B 60 24.44 13.48 -7.03
CA GLY B 60 24.33 12.45 -8.05
C GLY B 60 24.04 11.08 -7.47
N LEU B 61 23.27 10.30 -8.22
CA LEU B 61 22.87 8.97 -7.79
C LEU B 61 24.10 8.08 -7.60
N ARG B 62 24.36 7.67 -6.36
CA ARG B 62 25.55 6.88 -6.04
C ARG B 62 25.25 5.40 -6.28
N LYS B 63 25.13 5.06 -7.56
CA LYS B 63 24.68 3.74 -7.98
C LYS B 63 25.61 2.63 -7.51
N GLN B 64 26.93 2.89 -7.49
CA GLN B 64 27.86 1.85 -7.06
C GLN B 64 27.77 1.59 -5.56
N GLU B 65 27.54 2.65 -4.78
CA GLU B 65 27.30 2.45 -3.34
C GLU B 65 26.04 1.64 -3.12
N HIS B 66 24.97 1.94 -3.86
CA HIS B 66 23.73 1.18 -3.72
C HIS B 66 23.91 -0.26 -4.19
N THR B 67 24.80 -0.49 -5.17
CA THR B 67 25.07 -1.84 -5.62
C THR B 67 25.77 -2.67 -4.54
N GLN B 68 26.74 -2.06 -3.85
CA GLN B 68 27.43 -2.76 -2.77
C GLN B 68 26.53 -2.96 -1.57
N PHE B 69 25.64 -2.00 -1.30
CA PHE B 69 24.69 -2.15 -0.21
C PHE B 69 23.82 -3.40 -0.41
N LEU B 70 23.36 -3.61 -1.64
CA LEU B 70 22.55 -4.78 -1.96
C LEU B 70 23.38 -6.06 -2.05
N ALA B 71 24.71 -5.96 -2.17
CA ALA B 71 25.53 -7.13 -2.43
C ALA B 71 25.53 -8.11 -1.26
N SER B 72 25.37 -7.61 -0.03
CA SER B 72 25.38 -8.50 1.14
C SER B 72 24.29 -9.56 1.09
N SER B 73 23.25 -9.36 0.27
CA SER B 73 22.18 -10.34 0.18
C SER B 73 22.63 -11.66 -0.46
N PHE B 74 23.72 -11.64 -1.22
CA PHE B 74 24.23 -12.85 -1.85
C PHE B 74 25.37 -13.49 -1.05
N PHE B 75 25.53 -13.10 0.21
CA PHE B 75 26.52 -13.72 1.08
C PHE B 75 25.86 -14.11 2.41
N GLN B 76 25.51 -13.12 3.23
CA GLN B 76 24.87 -13.38 4.51
C GLN B 76 24.18 -12.12 5.00
N LEU B 77 23.26 -12.31 5.93
CA LEU B 77 22.53 -11.22 6.58
C LEU B 77 22.66 -11.38 8.10
N PRO B 78 22.93 -10.28 8.81
CA PRO B 78 23.12 -10.38 10.27
C PRO B 78 21.88 -10.89 10.98
N GLY B 79 22.08 -11.26 12.25
CA GLY B 79 21.03 -11.87 13.06
C GLY B 79 19.80 -11.02 13.26
N LYS B 80 19.93 -9.68 13.21
CA LYS B 80 18.77 -8.81 13.37
C LYS B 80 17.77 -8.96 12.24
N PHE B 81 18.16 -9.58 11.12
CA PHE B 81 17.25 -9.85 10.01
C PHE B 81 16.22 -10.93 10.33
N VAL B 82 16.22 -11.48 11.54
CA VAL B 82 15.29 -12.56 11.87
C VAL B 82 13.85 -12.09 11.75
N SER B 83 13.61 -10.79 11.96
CA SER B 83 12.27 -10.23 11.80
C SER B 83 11.77 -10.34 10.36
N LEU B 84 12.67 -10.57 9.41
CA LEU B 84 12.29 -10.77 8.02
C LEU B 84 12.39 -12.23 7.59
N ASP B 85 12.53 -13.15 8.54
CA ASP B 85 12.72 -14.56 8.19
C ASP B 85 11.52 -15.15 7.46
N ALA B 86 10.34 -14.53 7.60
CA ALA B 86 9.15 -14.95 6.86
C ALA B 86 8.91 -14.09 5.62
N SER B 87 9.88 -13.26 5.23
CA SER B 87 9.75 -12.39 4.07
C SER B 87 10.97 -12.47 3.17
N ARG B 88 11.65 -13.61 3.16
CA ARG B 88 12.86 -13.74 2.34
C ARG B 88 12.61 -13.59 0.84
N PRO B 89 11.49 -14.05 0.26
CA PRO B 89 11.25 -13.71 -1.15
C PRO B 89 11.17 -12.22 -1.41
N TRP B 90 10.82 -11.42 -0.40
CA TRP B 90 10.85 -9.97 -0.55
C TRP B 90 12.28 -9.44 -0.54
N LEU B 91 13.14 -10.03 0.29
CA LEU B 91 14.55 -9.66 0.26
C LEU B 91 15.15 -9.95 -1.11
N VAL B 92 14.72 -11.03 -1.74
CA VAL B 92 15.19 -11.34 -3.10
C VAL B 92 14.67 -10.30 -4.08
N PHE B 93 13.36 -10.04 -4.05
CA PHE B 93 12.76 -9.14 -5.04
C PHE B 93 13.31 -7.73 -4.89
N TRP B 94 13.39 -7.23 -3.66
CA TRP B 94 13.96 -5.90 -3.45
C TRP B 94 15.36 -5.81 -4.01
N THR B 95 16.12 -6.92 -3.98
CA THR B 95 17.48 -6.91 -4.47
C THR B 95 17.53 -6.99 -5.99
N VAL B 96 16.91 -8.02 -6.57
CA VAL B 96 17.06 -8.26 -8.01
C VAL B 96 16.34 -7.19 -8.83
N HIS B 97 15.29 -6.58 -8.28
CA HIS B 97 14.61 -5.53 -9.02
C HIS B 97 15.37 -4.20 -8.94
N SER B 98 15.96 -3.91 -7.78
CA SER B 98 16.81 -2.72 -7.67
C SER B 98 18.01 -2.82 -8.60
N LEU B 99 18.64 -4.00 -8.67
CA LEU B 99 19.76 -4.19 -9.57
C LEU B 99 19.33 -4.00 -11.02
N ASP B 100 18.14 -4.51 -11.37
CA ASP B 100 17.59 -4.27 -12.71
C ASP B 100 17.44 -2.78 -12.98
N LEU B 101 16.92 -2.03 -12.00
CA LEU B 101 16.75 -0.59 -12.17
C LEU B 101 18.11 0.11 -12.28
N LEU B 102 19.09 -0.34 -11.50
CA LEU B 102 20.42 0.27 -11.50
C LEU B 102 21.26 -0.15 -12.70
N GLY B 103 20.81 -1.11 -13.49
CA GLY B 103 21.54 -1.55 -14.66
C GLY B 103 22.64 -2.57 -14.40
N VAL B 104 22.67 -3.18 -13.22
CA VAL B 104 23.70 -4.14 -12.85
C VAL B 104 23.18 -5.54 -13.11
N ALA B 105 23.92 -6.31 -13.90
CA ALA B 105 23.54 -7.66 -14.24
C ALA B 105 24.18 -8.65 -13.27
N LEU B 106 23.46 -9.73 -13.00
CA LEU B 106 24.00 -10.86 -12.26
C LEU B 106 24.53 -11.89 -13.25
N ASP B 107 25.56 -12.62 -12.84
CA ASP B 107 26.03 -13.72 -13.67
C ASP B 107 25.08 -14.91 -13.56
N GLN B 108 25.22 -15.86 -14.49
CA GLN B 108 24.26 -16.96 -14.56
C GLN B 108 24.30 -17.84 -13.32
N GLY B 109 25.46 -18.01 -12.71
CA GLY B 109 25.55 -18.82 -11.51
C GLY B 109 24.74 -18.25 -10.36
N THR B 110 24.76 -16.93 -10.20
CA THR B 110 23.98 -16.31 -9.14
C THR B 110 22.49 -16.35 -9.44
N LYS B 111 22.12 -16.15 -10.71
CA LYS B 111 20.72 -16.31 -11.11
C LYS B 111 20.22 -17.72 -10.82
N ASP B 112 21.05 -18.73 -11.12
CA ASP B 112 20.69 -20.11 -10.82
C ASP B 112 20.47 -20.30 -9.33
N ARG B 113 21.31 -19.68 -8.50
CA ARG B 113 21.11 -19.74 -7.06
C ARG B 113 19.80 -19.09 -6.65
N VAL B 114 19.49 -17.93 -7.24
CA VAL B 114 18.25 -17.23 -6.92
C VAL B 114 17.04 -18.09 -7.30
N VAL B 115 17.09 -18.71 -8.48
CA VAL B 115 15.98 -19.56 -8.92
C VAL B 115 15.85 -20.77 -8.02
N SER B 116 16.97 -21.43 -7.73
CA SER B 116 16.94 -22.64 -6.90
C SER B 116 16.40 -22.33 -5.51
N THR B 117 16.83 -21.21 -4.92
CA THR B 117 16.37 -20.87 -3.57
C THR B 117 14.87 -20.65 -3.53
N LEU B 118 14.32 -19.97 -4.54
CA LEU B 118 12.89 -19.69 -4.57
C LEU B 118 12.09 -20.97 -4.77
N LEU B 119 12.62 -21.91 -5.57
CA LEU B 119 11.90 -23.16 -5.79
C LEU B 119 11.82 -23.99 -4.51
N HIS B 120 12.80 -23.87 -3.62
CA HIS B 120 12.69 -24.48 -2.31
C HIS B 120 11.61 -23.84 -1.45
N PHE B 121 11.08 -22.68 -1.86
CA PHE B 121 10.00 -22.03 -1.14
C PHE B 121 8.64 -22.39 -1.72
N LEU B 122 8.60 -23.11 -2.84
CA LEU B 122 7.36 -23.47 -3.51
C LEU B 122 6.80 -24.75 -2.89
N SER B 123 5.56 -24.67 -2.43
CA SER B 123 4.94 -25.83 -1.80
C SER B 123 4.18 -26.66 -2.85
N PRO B 124 4.28 -27.99 -2.76
CA PRO B 124 3.54 -28.84 -3.72
C PRO B 124 2.04 -28.63 -3.69
N LYS B 125 1.48 -28.22 -2.55
CA LYS B 125 0.05 -27.97 -2.46
C LYS B 125 -0.37 -26.64 -3.07
N GLY B 126 0.58 -25.77 -3.40
CA GLY B 126 0.27 -24.54 -4.11
C GLY B 126 0.73 -23.27 -3.44
N GLY B 127 1.53 -22.47 -4.16
CA GLY B 127 1.93 -21.17 -3.69
C GLY B 127 3.31 -21.17 -3.04
N PHE B 128 3.89 -19.97 -2.94
CA PHE B 128 5.17 -19.76 -2.29
C PHE B 128 4.97 -19.28 -0.86
N GLY B 129 5.85 -19.71 0.04
CA GLY B 129 5.91 -19.17 1.38
C GLY B 129 7.05 -18.19 1.54
N GLY B 130 7.14 -17.62 2.75
CA GLY B 130 8.22 -16.72 3.06
C GLY B 130 9.57 -17.38 3.28
N GLY B 131 9.64 -18.69 3.11
CA GLY B 131 10.86 -19.45 3.32
C GLY B 131 10.68 -20.87 2.82
N PRO B 132 11.60 -21.75 3.21
CA PRO B 132 11.53 -23.15 2.76
C PRO B 132 10.16 -23.77 3.01
N ALA B 133 9.68 -24.55 2.04
CA ALA B 133 8.37 -25.16 2.12
C ALA B 133 8.27 -26.16 3.27
N ASN B 134 9.39 -26.68 3.76
CA ASN B 134 9.36 -27.56 4.92
C ASN B 134 9.29 -26.79 6.23
N SER B 135 9.16 -25.46 6.17
CA SER B 135 9.18 -24.64 7.38
C SER B 135 8.06 -23.61 7.40
N GLN B 136 7.57 -23.20 6.23
CA GLN B 136 6.59 -22.13 6.15
C GLN B 136 5.49 -22.51 5.16
N ILE B 137 4.26 -22.09 5.48
CA ILE B 137 3.09 -22.39 4.65
C ILE B 137 2.98 -21.32 3.55
N PRO B 138 2.33 -21.62 2.43
CA PRO B 138 2.23 -20.64 1.35
C PRO B 138 1.46 -19.39 1.77
N HIS B 139 1.75 -18.29 1.07
CA HIS B 139 1.27 -16.97 1.45
C HIS B 139 1.23 -16.11 0.19
N LEU B 140 0.18 -15.30 0.07
CA LEU B 140 -0.05 -14.56 -1.17
C LEU B 140 1.04 -13.54 -1.44
N LEU B 141 1.64 -12.97 -0.40
CA LEU B 141 2.61 -11.90 -0.60
C LEU B 141 3.97 -12.45 -1.04
N PRO B 142 4.52 -13.49 -0.38
CA PRO B 142 5.73 -14.11 -0.94
C PRO B 142 5.49 -14.74 -2.30
N THR B 143 4.26 -15.15 -2.61
CA THR B 143 3.97 -15.71 -3.92
C THR B 143 4.18 -14.66 -5.01
N TYR B 144 3.70 -13.43 -4.78
CA TYR B 144 3.96 -12.35 -5.73
C TYR B 144 5.46 -12.08 -5.85
N ALA B 145 6.15 -11.93 -4.72
CA ALA B 145 7.56 -11.58 -4.75
C ALA B 145 8.40 -12.68 -5.40
N SER B 146 8.02 -13.94 -5.21
CA SER B 146 8.74 -15.03 -5.84
C SER B 146 8.50 -15.06 -7.34
N VAL B 147 7.24 -14.89 -7.76
CA VAL B 147 6.92 -14.90 -9.19
C VAL B 147 7.65 -13.77 -9.90
N CYS B 148 7.66 -12.58 -9.29
CA CYS B 148 8.35 -11.44 -9.90
C CYS B 148 9.87 -11.66 -9.91
N SER B 149 10.41 -12.25 -8.84
CA SER B 149 11.84 -12.51 -8.81
C SER B 149 12.24 -13.55 -9.85
N LEU B 150 11.40 -14.57 -10.06
CA LEU B 150 11.67 -15.53 -11.11
C LEU B 150 11.61 -14.88 -12.49
N ALA B 151 10.72 -13.90 -12.66
CA ALA B 151 10.68 -13.16 -13.92
C ALA B 151 11.96 -12.37 -14.14
N ILE B 152 12.61 -11.92 -13.05
CA ILE B 152 13.81 -11.11 -13.19
C ILE B 152 15.05 -11.97 -13.37
N ALA B 153 15.13 -13.10 -12.66
CA ALA B 153 16.36 -13.89 -12.60
C ALA B 153 16.27 -15.23 -13.34
N GLY B 154 15.09 -15.63 -13.81
CA GLY B 154 14.91 -16.93 -14.43
C GLY B 154 14.88 -16.87 -15.95
N ASN B 155 14.67 -18.03 -16.54
CA ASN B 155 14.65 -18.20 -17.99
C ASN B 155 13.82 -19.42 -18.34
N ASP B 156 13.83 -19.81 -19.61
CA ASP B 156 12.96 -20.86 -20.12
C ASP B 156 13.65 -22.22 -20.24
N SER B 157 14.90 -22.35 -19.78
CA SER B 157 15.59 -23.62 -19.84
C SER B 157 15.07 -24.57 -18.76
N SER B 158 15.63 -25.77 -18.72
CA SER B 158 15.23 -26.76 -17.72
C SER B 158 15.69 -26.36 -16.32
N THR B 159 16.66 -25.46 -16.21
CA THR B 159 17.14 -24.96 -14.93
C THR B 159 16.69 -23.52 -14.66
N GLY B 160 15.77 -22.99 -15.48
CA GLY B 160 15.38 -21.60 -15.41
C GLY B 160 14.25 -21.26 -14.46
N GLY B 161 13.54 -22.25 -13.95
CA GLY B 161 12.49 -22.04 -12.98
C GLY B 161 11.12 -21.76 -13.57
N TRP B 162 11.06 -21.19 -14.77
CA TRP B 162 9.78 -20.91 -15.40
C TRP B 162 9.02 -22.21 -15.69
N LYS B 163 9.74 -23.27 -16.06
CA LYS B 163 9.08 -24.54 -16.33
C LYS B 163 8.40 -25.07 -15.08
N ASP B 164 9.02 -24.91 -13.91
CA ASP B 164 8.41 -25.35 -12.67
C ASP B 164 7.19 -24.51 -12.32
N LEU B 165 7.22 -23.21 -12.64
CA LEU B 165 6.05 -22.37 -12.44
C LEU B 165 4.89 -22.82 -13.32
N ALA B 166 5.16 -23.15 -14.58
CA ALA B 166 4.11 -23.62 -15.47
C ALA B 166 3.51 -24.94 -14.99
N ALA B 167 4.33 -25.80 -14.39
CA ALA B 167 3.82 -27.07 -13.88
C ALA B 167 3.01 -26.89 -12.61
N ALA B 168 3.15 -25.75 -11.92
CA ALA B 168 2.48 -25.50 -10.66
C ALA B 168 1.22 -24.64 -10.83
N ARG B 169 0.81 -24.37 -12.06
CA ARG B 169 -0.30 -23.44 -12.29
C ARG B 169 -1.59 -23.93 -11.66
N GLN B 170 -1.86 -25.24 -11.74
CA GLN B 170 -3.11 -25.75 -11.17
C GLN B 170 -3.10 -25.68 -9.65
N SER B 171 -1.99 -26.05 -9.01
CA SER B 171 -1.91 -26.01 -7.56
C SER B 171 -1.97 -24.57 -7.04
N ILE B 172 -1.24 -23.66 -7.69
CA ILE B 172 -1.29 -22.25 -7.30
C ILE B 172 -2.71 -21.72 -7.42
N TYR B 173 -3.40 -22.09 -8.51
CA TYR B 173 -4.79 -21.69 -8.68
C TYR B 173 -5.66 -22.24 -7.55
N GLU B 174 -5.48 -23.52 -7.22
CA GLU B 174 -6.25 -24.11 -6.13
C GLU B 174 -5.95 -23.42 -4.81
N PHE B 175 -4.70 -23.00 -4.61
CA PHE B 175 -4.36 -22.22 -3.43
C PHE B 175 -5.08 -20.87 -3.44
N PHE B 176 -5.14 -20.22 -4.60
CA PHE B 176 -5.86 -18.95 -4.69
C PHE B 176 -7.34 -19.12 -4.35
N MET B 177 -7.93 -20.24 -4.76
CA MET B 177 -9.37 -20.43 -4.50
C MET B 177 -9.63 -20.73 -3.04
N ARG B 178 -8.72 -21.46 -2.37
CA ARG B 178 -8.88 -21.69 -0.94
C ARG B 178 -8.78 -20.38 -0.16
N CYS B 179 -8.04 -19.41 -0.68
CA CYS B 179 -7.93 -18.10 -0.04
C CYS B 179 -9.18 -17.25 -0.24
N LYS B 180 -10.00 -17.55 -1.24
CA LYS B 180 -11.10 -16.68 -1.61
C LYS B 180 -12.26 -16.79 -0.62
N ARG B 181 -12.85 -15.62 -0.29
CA ARG B 181 -14.04 -15.43 0.53
C ARG B 181 -15.23 -15.08 -0.35
N PRO B 182 -16.44 -15.45 0.09
CA PRO B 182 -17.64 -15.16 -0.73
C PRO B 182 -17.80 -13.68 -1.07
N ASP B 183 -17.37 -12.77 -0.19
CA ASP B 183 -17.54 -11.34 -0.45
C ASP B 183 -16.55 -10.79 -1.45
N GLY B 184 -15.58 -11.58 -1.91
CA GLY B 184 -14.60 -11.13 -2.87
C GLY B 184 -13.22 -10.84 -2.29
N GLY B 185 -13.08 -10.89 -0.97
CA GLY B 185 -11.77 -10.76 -0.38
C GLY B 185 -11.00 -12.07 -0.40
N PHE B 186 -9.73 -11.97 -0.04
CA PHE B 186 -8.84 -13.13 0.07
C PHE B 186 -8.10 -13.06 1.39
N VAL B 187 -7.95 -14.21 2.04
CA VAL B 187 -6.98 -14.34 3.11
C VAL B 187 -5.59 -14.48 2.48
N VAL B 188 -4.59 -13.85 3.10
CA VAL B 188 -3.24 -13.92 2.55
C VAL B 188 -2.65 -15.31 2.71
N CYS B 189 -3.17 -16.11 3.63
CA CYS B 189 -2.71 -17.46 3.90
C CYS B 189 -3.76 -18.15 4.74
N GLU B 190 -3.54 -19.43 5.04
CA GLU B 190 -4.40 -20.16 5.95
C GLU B 190 -4.52 -19.42 7.27
N GLY B 191 -5.75 -19.03 7.62
CA GLY B 191 -5.97 -18.29 8.84
C GLY B 191 -5.39 -16.89 8.86
N GLY B 192 -5.16 -16.28 7.70
CA GLY B 192 -4.50 -15.00 7.62
C GLY B 192 -5.45 -13.82 7.38
N GLU B 193 -4.87 -12.62 7.43
CA GLU B 193 -5.66 -11.40 7.32
C GLU B 193 -6.16 -11.19 5.89
N VAL B 194 -7.12 -10.27 5.76
CA VAL B 194 -7.81 -10.00 4.50
C VAL B 194 -7.66 -8.52 4.19
N ASP B 195 -6.93 -8.20 3.13
CA ASP B 195 -6.78 -6.81 2.70
C ASP B 195 -6.45 -6.79 1.21
N VAL B 196 -6.29 -5.58 0.67
CA VAL B 196 -6.07 -5.41 -0.77
C VAL B 196 -4.63 -5.71 -1.19
N ARG B 197 -3.69 -5.83 -0.25
CA ARG B 197 -2.37 -6.35 -0.60
C ARG B 197 -2.49 -7.76 -1.17
N GLY B 198 -3.31 -8.60 -0.53
CA GLY B 198 -3.50 -9.95 -1.03
C GLY B 198 -4.18 -9.98 -2.38
N THR B 199 -5.21 -9.15 -2.57
CA THR B 199 -5.86 -9.05 -3.87
C THR B 199 -4.88 -8.63 -4.95
N TYR B 200 -4.08 -7.59 -4.68
CA TYR B 200 -3.11 -7.12 -5.66
C TYR B 200 -2.12 -8.22 -6.02
N CYS B 201 -1.47 -8.80 -5.01
CA CYS B 201 -0.49 -9.85 -5.26
C CYS B 201 -1.10 -11.00 -6.04
N LEU B 202 -2.32 -11.40 -5.67
CA LEU B 202 -2.98 -12.53 -6.34
C LEU B 202 -3.31 -12.19 -7.79
N LEU B 203 -3.88 -11.01 -8.03
CA LEU B 203 -4.28 -10.65 -9.39
C LEU B 203 -3.09 -10.49 -10.32
N VAL B 204 -1.95 -10.03 -9.80
CA VAL B 204 -0.75 -9.95 -10.61
C VAL B 204 -0.31 -11.35 -11.05
N VAL B 205 -0.16 -12.26 -10.09
CA VAL B 205 0.30 -13.62 -10.41
C VAL B 205 -0.70 -14.31 -11.31
N ALA B 206 -1.99 -14.16 -11.04
CA ALA B 206 -3.01 -14.79 -11.88
C ALA B 206 -2.97 -14.23 -13.29
N THR B 207 -2.67 -12.94 -13.45
CA THR B 207 -2.55 -12.35 -14.77
C THR B 207 -1.34 -12.88 -15.51
N LEU B 208 -0.21 -13.03 -14.81
CA LEU B 208 1.03 -13.43 -15.48
C LEU B 208 1.01 -14.90 -15.88
N LEU B 209 0.37 -15.77 -15.08
CA LEU B 209 0.46 -17.20 -15.28
C LEU B 209 -0.72 -17.79 -16.04
N ASP B 210 -1.67 -16.96 -16.48
CA ASP B 210 -2.85 -17.41 -17.21
C ASP B 210 -3.66 -18.42 -16.40
N ILE B 211 -4.15 -17.97 -15.24
CA ILE B 211 -4.96 -18.82 -14.39
C ILE B 211 -6.16 -18.05 -13.85
N ILE B 212 -6.71 -17.15 -14.65
CA ILE B 212 -7.85 -16.33 -14.26
C ILE B 212 -9.13 -17.00 -14.76
N THR B 213 -10.09 -17.20 -13.86
CA THR B 213 -11.37 -17.81 -14.13
C THR B 213 -12.48 -16.93 -13.58
N PRO B 214 -13.72 -17.07 -14.09
CA PRO B 214 -14.82 -16.30 -13.51
C PRO B 214 -15.07 -16.57 -12.03
N GLU B 215 -14.86 -17.81 -11.57
CA GLU B 215 -15.09 -18.08 -10.15
C GLU B 215 -14.01 -17.45 -9.28
N LEU B 216 -12.81 -17.24 -9.83
CA LEU B 216 -11.76 -16.60 -9.05
C LEU B 216 -12.04 -15.11 -8.82
N LEU B 217 -12.76 -14.47 -9.75
CA LEU B 217 -12.92 -13.03 -9.76
C LEU B 217 -14.25 -12.57 -9.16
N HIS B 218 -15.14 -13.48 -8.80
CA HIS B 218 -16.47 -13.07 -8.36
C HIS B 218 -16.39 -12.21 -7.10
N ASN B 219 -17.03 -11.05 -7.15
CA ASN B 219 -17.10 -10.04 -6.09
C ASN B 219 -15.77 -9.37 -5.80
N VAL B 220 -14.67 -9.79 -6.43
CA VAL B 220 -13.37 -9.17 -6.17
C VAL B 220 -13.40 -7.69 -6.49
N ASP B 221 -14.10 -7.32 -7.57
CA ASP B 221 -14.23 -5.91 -7.92
C ASP B 221 -15.02 -5.13 -6.87
N LYS B 222 -16.00 -5.77 -6.23
CA LYS B 222 -16.81 -5.08 -5.24
C LYS B 222 -16.05 -4.86 -3.94
N PHE B 223 -15.26 -5.85 -3.52
CA PHE B 223 -14.42 -5.69 -2.34
C PHE B 223 -13.48 -4.50 -2.49
N VAL B 224 -12.83 -4.41 -3.65
CA VAL B 224 -11.83 -3.37 -3.86
C VAL B 224 -12.49 -1.99 -3.96
N SER B 225 -13.58 -1.91 -4.73
CA SER B 225 -14.24 -0.62 -4.94
CA SER B 225 -14.24 -0.62 -4.94
C SER B 225 -14.75 -0.03 -3.62
N ALA B 226 -15.22 -0.88 -2.72
CA ALA B 226 -15.72 -0.40 -1.44
C ALA B 226 -14.62 0.02 -0.48
N CYS B 227 -13.35 -0.18 -0.84
CA CYS B 227 -12.25 0.28 -0.01
C CYS B 227 -11.99 1.77 -0.16
N GLN B 228 -12.56 2.42 -1.17
CA GLN B 228 -12.33 3.85 -1.37
C GLN B 228 -13.03 4.66 -0.29
N THR B 229 -12.28 5.56 0.35
CA THR B 229 -12.80 6.36 1.45
C THR B 229 -13.27 7.72 0.93
N TYR B 230 -13.76 8.55 1.86
CA TYR B 230 -14.22 9.88 1.50
C TYR B 230 -13.10 10.78 1.03
N GLU B 231 -11.84 10.45 1.34
CA GLU B 231 -10.71 11.26 0.92
C GLU B 231 -10.33 11.06 -0.54
N GLY B 232 -10.72 9.95 -1.15
CA GLY B 232 -10.39 9.64 -2.53
C GLY B 232 -9.46 8.44 -2.68
N GLY B 233 -8.57 8.23 -1.70
CA GLY B 233 -7.73 7.04 -1.69
C GLY B 233 -8.48 5.83 -1.18
N PHE B 234 -7.72 4.77 -0.91
CA PHE B 234 -8.29 3.48 -0.56
C PHE B 234 -7.71 2.98 0.75
N ALA B 235 -8.56 2.27 1.50
CA ALA B 235 -8.17 1.65 2.76
C ALA B 235 -7.78 0.19 2.54
N CYS B 236 -7.41 -0.47 3.64
CA CYS B 236 -6.89 -1.83 3.55
C CYS B 236 -7.96 -2.82 3.12
N ALA B 237 -9.20 -2.64 3.60
CA ALA B 237 -10.25 -3.61 3.35
C ALA B 237 -11.60 -2.93 3.46
N SER B 238 -12.63 -3.68 3.08
CA SER B 238 -14.01 -3.27 3.28
C SER B 238 -14.76 -4.40 3.98
N PHE B 239 -15.79 -4.02 4.77
CA PHE B 239 -16.54 -5.00 5.56
C PHE B 239 -17.89 -5.28 4.92
N PRO B 240 -18.25 -6.56 4.74
CA PRO B 240 -19.55 -6.87 4.15
C PRO B 240 -20.64 -7.05 5.18
N PHE B 241 -21.65 -6.18 5.16
CA PHE B 241 -22.79 -6.36 6.05
C PHE B 241 -23.85 -7.21 5.37
N PRO B 242 -24.31 -8.31 6.00
CA PRO B 242 -25.24 -9.26 5.38
C PRO B 242 -26.65 -8.72 5.24
N GLU B 255 -24.28 -10.55 -2.40
CA GLU B 255 -24.96 -11.04 -1.21
C GLU B 255 -25.06 -10.01 -0.07
N PRO B 256 -23.95 -9.35 0.30
CA PRO B 256 -24.03 -8.37 1.39
C PRO B 256 -24.88 -7.18 1.01
N SER B 257 -25.54 -6.61 2.02
CA SER B 257 -26.42 -5.46 1.77
C SER B 257 -25.61 -4.21 1.43
N CYS B 258 -24.44 -4.04 2.05
CA CYS B 258 -23.56 -2.94 1.72
C CYS B 258 -22.16 -3.23 2.26
N ARG B 259 -21.18 -2.53 1.71
CA ARG B 259 -19.79 -2.67 2.10
C ARG B 259 -19.23 -1.32 2.54
N VAL B 260 -18.44 -1.32 3.60
CA VAL B 260 -17.92 -0.10 4.22
C VAL B 260 -16.40 -0.23 4.38
N SER B 261 -15.68 0.85 4.05
CA SER B 261 -14.23 0.86 4.22
C SER B 261 -13.87 0.83 5.72
N MET B 262 -12.72 0.25 6.03
CA MET B 262 -12.35 -0.08 7.40
CA MET B 262 -12.36 -0.08 7.40
C MET B 262 -11.23 0.77 7.97
N ALA B 263 -10.76 1.78 7.25
CA ALA B 263 -9.66 2.60 7.78
C ALA B 263 -9.41 3.80 6.87
N GLU B 264 -8.32 4.50 7.13
CA GLU B 264 -7.89 5.64 6.33
C GLU B 264 -7.50 5.23 4.92
N ALA B 265 -7.64 6.17 4.00
CA ALA B 265 -6.93 6.08 2.73
C ALA B 265 -5.43 6.13 3.00
N HIS B 266 -4.71 5.15 2.46
CA HIS B 266 -3.27 5.05 2.66
C HIS B 266 -2.60 4.78 1.32
N GLY B 267 -1.38 5.33 1.16
CA GLY B 267 -0.69 5.21 -0.10
C GLY B 267 -0.45 3.76 -0.52
N GLY B 268 -0.06 2.92 0.43
CA GLY B 268 0.18 1.52 0.10
C GLY B 268 -1.09 0.82 -0.39
N TYR B 269 -2.18 0.96 0.35
CA TYR B 269 -3.42 0.30 -0.03
C TYR B 269 -4.08 0.98 -1.21
N THR B 270 -3.84 2.29 -1.40
CA THR B 270 -4.31 2.95 -2.61
C THR B 270 -3.61 2.41 -3.85
N SER B 271 -2.31 2.14 -3.73
CA SER B 271 -1.58 1.54 -4.84
C SER B 271 -2.14 0.17 -5.19
N CYS B 272 -2.30 -0.69 -4.19
CA CYS B 272 -2.83 -2.04 -4.44
C CYS B 272 -4.24 -1.99 -5.01
N SER B 273 -5.06 -1.05 -4.55
CA SER B 273 -6.44 -0.97 -5.01
C SER B 273 -6.51 -0.46 -6.45
N LEU B 274 -5.74 0.59 -6.77
CA LEU B 274 -5.70 1.09 -8.14
C LEU B 274 -5.16 0.03 -9.09
N ASN B 275 -4.07 -0.64 -8.70
CA ASN B 275 -3.50 -1.68 -9.54
C ASN B 275 -4.45 -2.86 -9.70
N SER B 276 -5.10 -3.27 -8.61
CA SER B 276 -6.07 -4.37 -8.70
C SER B 276 -7.21 -4.01 -9.63
N HIS B 277 -7.81 -2.83 -9.42
CA HIS B 277 -8.93 -2.41 -10.27
C HIS B 277 -8.50 -2.31 -11.72
N PHE B 278 -7.30 -1.78 -11.98
CA PHE B 278 -6.82 -1.68 -13.35
C PHE B 278 -6.66 -3.05 -13.98
N LEU B 279 -6.12 -4.02 -13.22
CA LEU B 279 -5.99 -5.38 -13.74
C LEU B 279 -7.36 -5.97 -14.06
N LEU B 280 -8.37 -5.63 -13.25
CA LEU B 280 -9.70 -6.19 -13.47
C LEU B 280 -10.38 -5.61 -14.70
N THR B 281 -10.04 -4.38 -15.09
CA THR B 281 -10.66 -3.79 -16.27
C THR B 281 -10.30 -4.54 -17.54
N SER B 282 -9.25 -5.35 -17.52
CA SER B 282 -8.89 -6.16 -18.68
C SER B 282 -9.78 -7.38 -18.85
N VAL B 283 -10.53 -7.74 -17.82
CA VAL B 283 -11.30 -8.98 -17.86
C VAL B 283 -12.62 -8.73 -18.59
N PRO B 284 -12.96 -9.51 -19.61
CA PRO B 284 -14.21 -9.30 -20.37
C PRO B 284 -15.41 -10.01 -19.75
N LEU B 285 -15.80 -9.58 -18.56
CA LEU B 285 -17.00 -10.06 -17.91
C LEU B 285 -18.10 -9.02 -18.00
N PRO B 286 -19.36 -9.44 -18.00
CA PRO B 286 -20.46 -8.46 -18.13
C PRO B 286 -20.57 -7.55 -16.91
N SER B 287 -20.56 -6.24 -17.15
CA SER B 287 -20.67 -5.22 -16.11
C SER B 287 -19.66 -5.47 -15.00
N PHE B 288 -18.39 -5.51 -15.39
CA PHE B 288 -17.29 -5.85 -14.52
C PHE B 288 -16.06 -5.15 -15.05
N PRO B 289 -15.23 -4.54 -14.20
CA PRO B 289 -15.37 -4.47 -12.74
C PRO B 289 -16.27 -3.32 -12.28
N LEU B 290 -16.74 -3.39 -11.03
CA LEU B 290 -17.51 -2.30 -10.46
C LEU B 290 -16.67 -1.02 -10.45
N SER B 291 -17.30 0.10 -10.77
CA SER B 291 -16.59 1.35 -10.97
C SER B 291 -16.00 1.88 -9.66
N ILE B 292 -14.97 2.70 -9.80
CA ILE B 292 -14.41 3.46 -8.69
C ILE B 292 -14.49 4.94 -9.06
N ASP B 293 -14.20 5.79 -8.07
CA ASP B 293 -14.16 7.24 -8.29
C ASP B 293 -12.73 7.60 -8.69
N ALA B 294 -12.47 7.58 -10.00
CA ALA B 294 -11.11 7.82 -10.48
C ALA B 294 -10.68 9.26 -10.23
N ASN B 295 -11.57 10.23 -10.47
CA ASN B 295 -11.23 11.63 -10.22
C ASN B 295 -10.77 11.83 -8.78
N ALA B 296 -11.52 11.29 -7.81
CA ALA B 296 -11.16 11.45 -6.41
C ALA B 296 -9.84 10.74 -6.08
N ALA B 297 -9.56 9.63 -6.75
CA ALA B 297 -8.29 8.93 -6.51
C ALA B 297 -7.12 9.73 -7.05
N LEU B 298 -7.28 10.36 -8.21
CA LEU B 298 -6.22 11.22 -8.74
C LEU B 298 -6.00 12.42 -7.84
N ARG B 299 -7.09 13.02 -7.34
CA ARG B 299 -6.97 14.16 -6.45
C ARG B 299 -6.22 13.79 -5.18
N TRP B 300 -6.58 12.67 -4.57
CA TRP B 300 -5.91 12.24 -3.36
C TRP B 300 -4.44 11.97 -3.61
N THR B 301 -4.11 11.39 -4.76
CA THR B 301 -2.72 11.07 -5.08
C THR B 301 -1.86 12.32 -5.11
N VAL B 302 -2.28 13.34 -5.86
CA VAL B 302 -1.44 14.52 -6.02
C VAL B 302 -1.37 15.32 -4.73
N LEU B 303 -2.39 15.22 -3.87
CA LEU B 303 -2.38 15.96 -2.62
C LEU B 303 -1.35 15.42 -1.63
N GLN B 304 -0.85 14.21 -1.84
CA GLN B 304 0.11 13.62 -0.92
C GLN B 304 1.55 13.99 -1.24
N GLN B 305 1.81 14.75 -2.30
CA GLN B 305 3.16 15.22 -2.58
C GLN B 305 3.47 16.41 -1.69
N GLY B 306 4.54 16.32 -0.93
CA GLY B 306 4.86 17.32 0.07
C GLY B 306 5.26 18.66 -0.53
N GLU B 307 5.40 19.63 0.37
CA GLU B 307 5.79 20.98 0.00
C GLU B 307 7.28 21.04 -0.26
N PRO B 308 7.76 22.14 -0.86
CA PRO B 308 9.22 22.26 -1.08
C PRO B 308 10.05 22.14 0.19
N ILE B 309 9.52 22.58 1.33
CA ILE B 309 10.29 22.48 2.57
C ILE B 309 10.52 21.03 2.99
N GLU B 310 9.64 20.11 2.55
CA GLU B 310 9.83 18.68 2.81
C GLU B 310 10.34 17.94 1.57
N GLY B 311 11.08 18.64 0.70
CA GLY B 311 11.74 18.02 -0.43
C GLY B 311 10.84 17.52 -1.53
N GLY B 312 9.53 17.73 -1.45
CA GLY B 312 8.67 17.28 -2.51
C GLY B 312 8.44 15.78 -2.57
N GLY B 313 8.80 15.06 -1.51
CA GLY B 313 8.49 13.65 -1.43
C GLY B 313 7.02 13.42 -1.16
N PHE B 314 6.64 12.15 -1.17
CA PHE B 314 5.25 11.75 -0.94
C PHE B 314 5.07 11.26 0.49
N ARG B 315 3.91 11.56 1.06
CA ARG B 315 3.45 10.97 2.31
C ARG B 315 2.45 9.86 2.01
N GLY B 316 2.24 8.99 3.00
CA GLY B 316 1.34 7.87 2.83
C GLY B 316 -0.10 8.16 3.18
N ARG B 317 -0.32 9.14 4.06
CA ARG B 317 -1.69 9.52 4.41
C ARG B 317 -1.69 10.96 4.92
N THR B 318 -2.89 11.54 4.95
CA THR B 318 -3.06 12.93 5.34
C THR B 318 -2.51 13.18 6.74
N ASN B 319 -1.75 14.27 6.87
CA ASN B 319 -1.18 14.75 8.12
C ASN B 319 -0.15 13.80 8.72
N LYS B 320 0.42 12.93 7.90
CA LYS B 320 1.57 12.12 8.28
C LYS B 320 2.80 12.66 7.55
N LEU B 321 3.92 11.95 7.67
CA LEU B 321 5.22 12.44 7.21
C LEU B 321 5.56 11.88 5.83
N VAL B 322 6.32 12.66 5.06
CA VAL B 322 6.79 12.21 3.76
C VAL B 322 7.78 11.06 3.97
N ASP B 323 7.81 10.14 3.00
CA ASP B 323 8.62 8.94 3.10
C ASP B 323 8.99 8.51 1.70
N GLY B 324 10.28 8.22 1.50
CA GLY B 324 10.77 7.88 0.17
C GLY B 324 10.09 6.68 -0.45
N CYS B 325 9.68 5.72 0.37
CA CYS B 325 9.06 4.52 -0.19
C CYS B 325 7.73 4.82 -0.87
N TYR B 326 7.06 5.92 -0.49
CA TYR B 326 5.81 6.28 -1.14
C TYR B 326 6.01 6.95 -2.49
N SER B 327 7.25 7.16 -2.92
CA SER B 327 7.50 7.54 -4.30
C SER B 327 6.97 6.48 -5.25
N TRP B 328 7.10 5.21 -4.89
CA TRP B 328 6.51 4.15 -5.69
C TRP B 328 5.03 3.97 -5.37
N TRP B 329 4.67 3.88 -4.08
CA TRP B 329 3.29 3.55 -3.72
C TRP B 329 2.32 4.61 -4.22
N VAL B 330 2.59 5.87 -3.93
CA VAL B 330 1.71 6.95 -4.37
C VAL B 330 2.07 7.43 -5.76
N GLY B 331 3.36 7.72 -6.01
CA GLY B 331 3.76 8.20 -7.32
C GLY B 331 3.53 7.19 -8.42
N GLY B 332 3.83 5.91 -8.14
CA GLY B 332 3.59 4.87 -9.13
C GLY B 332 2.13 4.57 -9.38
N GLY B 333 1.24 5.00 -8.48
CA GLY B 333 -0.18 4.89 -8.75
C GLY B 333 -0.72 6.00 -9.63
N ALA B 334 0.00 7.12 -9.72
CA ALA B 334 -0.48 8.25 -10.52
C ALA B 334 -0.71 7.91 -11.99
N PRO B 335 0.16 7.16 -12.68
CA PRO B 335 -0.17 6.80 -14.07
C PRO B 335 -1.43 5.94 -14.17
N VAL B 336 -1.68 5.08 -13.18
CA VAL B 336 -2.88 4.25 -13.22
C VAL B 336 -4.12 5.09 -12.99
N ALA B 337 -4.09 5.94 -11.96
CA ALA B 337 -5.22 6.83 -11.71
C ALA B 337 -5.44 7.78 -12.89
N GLU B 338 -4.35 8.22 -13.52
CA GLU B 338 -4.48 9.10 -14.68
C GLU B 338 -5.16 8.40 -15.85
N GLU B 339 -4.82 7.13 -16.08
CA GLU B 339 -5.43 6.39 -17.18
C GLU B 339 -6.91 6.12 -16.91
N LEU B 340 -7.27 5.84 -15.65
CA LEU B 340 -8.67 5.65 -15.32
C LEU B 340 -9.46 6.94 -15.52
N VAL B 341 -8.86 8.08 -15.18
CA VAL B 341 -9.52 9.36 -15.42
C VAL B 341 -9.68 9.61 -16.92
N ARG B 342 -8.66 9.26 -17.70
CA ARG B 342 -8.74 9.45 -19.15
C ARG B 342 -9.86 8.60 -19.76
N ARG B 343 -10.00 7.36 -19.28
CA ARG B 343 -11.04 6.49 -19.81
C ARG B 343 -12.42 7.04 -19.49
N GLU B 344 -12.60 7.59 -18.28
CA GLU B 344 -13.91 8.10 -17.89
C GLU B 344 -14.28 9.36 -18.66
N LYS B 345 -13.30 10.24 -18.90
CA LYS B 345 -13.56 11.42 -19.72
C LYS B 345 -13.86 11.04 -21.16
N SER B 346 -13.16 10.01 -21.68
CA SER B 346 -13.46 9.52 -23.02
C SER B 346 -14.82 8.85 -23.07
N ARG B 347 -15.19 8.14 -22.00
CA ARG B 347 -16.46 7.42 -21.98
C ARG B 347 -17.66 8.35 -21.98
N LYS B 348 -17.49 9.60 -21.55
CA LYS B 348 -18.57 10.58 -21.56
C LYS B 348 -18.58 11.43 -22.82
N VAL B 349 -17.53 11.37 -23.63
CA VAL B 349 -17.47 12.11 -24.89
C VAL B 349 -17.78 11.18 -26.06
N ILE B 371 -0.20 17.98 -22.75
CA ILE B 371 -0.69 17.66 -21.41
C ILE B 371 0.45 17.74 -20.41
N PRO B 372 0.23 18.47 -19.32
CA PRO B 372 1.29 18.61 -18.30
C PRO B 372 1.32 17.40 -17.39
N PRO B 373 2.44 17.14 -16.74
CA PRO B 373 2.51 16.03 -15.77
C PRO B 373 1.53 16.25 -14.62
N ILE B 374 1.13 15.14 -14.01
CA ILE B 374 0.09 15.19 -12.99
C ILE B 374 0.65 15.43 -11.57
N PHE B 375 1.90 15.06 -11.32
CA PHE B 375 2.60 15.42 -10.10
C PHE B 375 3.95 16.02 -10.47
N ASN B 376 4.61 16.61 -9.48
CA ASN B 376 5.89 17.25 -9.75
C ASN B 376 6.97 16.20 -9.98
N ARG B 377 7.19 15.84 -11.25
CA ARG B 377 8.19 14.83 -11.56
C ARG B 377 9.59 15.28 -11.20
N VAL B 378 9.84 16.59 -11.17
CA VAL B 378 11.17 17.10 -10.84
C VAL B 378 11.42 17.04 -9.35
N ALA B 379 10.47 17.52 -8.55
CA ALA B 379 10.65 17.55 -7.10
C ALA B 379 10.82 16.15 -6.53
N LEU B 380 10.09 15.17 -7.08
CA LEU B 380 10.21 13.80 -6.59
C LEU B 380 11.63 13.26 -6.82
N GLN B 381 12.21 13.56 -7.99
CA GLN B 381 13.59 13.16 -8.24
C GLN B 381 14.54 13.86 -7.27
N GLU B 382 14.29 15.14 -7.01
CA GLU B 382 15.13 15.88 -6.07
C GLU B 382 15.06 15.29 -4.67
N PHE B 383 13.88 14.84 -4.24
CA PHE B 383 13.78 14.18 -2.94
C PHE B 383 14.60 12.89 -2.93
N THR B 384 14.50 12.10 -4.00
CA THR B 384 15.27 10.86 -4.07
C THR B 384 16.76 11.13 -4.01
N LEU B 385 17.24 12.13 -4.75
CA LEU B 385 18.67 12.36 -4.89
C LEU B 385 19.26 13.06 -3.67
N VAL B 386 18.52 13.98 -3.07
CA VAL B 386 19.03 14.79 -1.97
C VAL B 386 18.77 14.13 -0.62
N ALA B 387 17.54 13.69 -0.38
CA ALA B 387 17.12 13.23 0.94
C ALA B 387 17.13 11.72 1.10
N ALA B 388 16.70 10.97 0.09
CA ALA B 388 16.50 9.54 0.26
C ALA B 388 17.79 8.73 0.18
N GLN B 389 18.83 9.26 -0.46
CA GLN B 389 20.09 8.54 -0.53
C GLN B 389 20.81 8.57 0.81
N GLN B 390 21.43 7.45 1.16
CA GLN B 390 22.33 7.41 2.32
C GLN B 390 23.45 8.42 2.12
N ASP B 391 23.97 8.94 3.23
CA ASP B 391 25.09 9.87 3.18
C ASP B 391 26.26 9.24 2.42
N PRO B 392 26.97 10.02 1.61
CA PRO B 392 28.05 9.44 0.80
C PRO B 392 29.19 8.90 1.64
N GLY B 393 29.94 7.98 1.04
CA GLY B 393 31.05 7.35 1.73
C GLY B 393 30.68 6.41 2.84
N SER B 394 29.40 6.06 2.97
CA SER B 394 28.95 5.17 4.03
C SER B 394 28.53 3.82 3.47
N THR B 395 27.43 3.27 3.99
CA THR B 395 26.99 1.94 3.61
C THR B 395 26.27 1.90 2.27
N GLY B 396 25.88 3.06 1.74
CA GLY B 396 25.03 3.09 0.56
C GLY B 396 23.60 2.73 0.90
N GLY B 397 22.78 2.68 -0.14
CA GLY B 397 21.38 2.36 0.01
C GLY B 397 20.51 3.61 0.12
N LEU B 398 19.21 3.42 -0.03
CA LEU B 398 18.24 4.50 0.07
C LEU B 398 17.33 4.25 1.26
N ARG B 399 16.69 5.32 1.73
CA ARG B 399 16.08 5.31 3.05
C ARG B 399 14.73 6.01 3.03
N ASP B 400 14.03 5.91 4.16
CA ASP B 400 12.77 6.63 4.38
C ASP B 400 13.01 8.13 4.44
N LYS B 401 13.85 8.57 5.37
CA LYS B 401 14.10 9.98 5.64
C LYS B 401 15.54 10.13 6.10
N PRO B 402 16.07 11.36 6.10
CA PRO B 402 17.30 11.61 6.86
C PRO B 402 17.11 11.21 8.32
N GLY B 403 18.14 10.59 8.89
CA GLY B 403 18.06 10.06 10.24
C GLY B 403 17.59 8.64 10.35
N LYS B 404 17.17 8.02 9.25
CA LYS B 404 16.73 6.63 9.21
C LYS B 404 17.77 5.79 8.47
N ARG B 405 18.07 4.62 9.02
CA ARG B 405 18.98 3.71 8.34
C ARG B 405 18.37 3.29 7.00
N PRO B 406 19.18 3.16 5.95
CA PRO B 406 18.66 2.59 4.70
C PRO B 406 18.40 1.10 4.84
N ASP B 407 17.51 0.60 4.01
CA ASP B 407 17.20 -0.83 3.98
C ASP B 407 16.85 -1.24 2.57
N GLN B 408 16.70 -2.55 2.36
CA GLN B 408 16.41 -3.07 1.03
C GLN B 408 15.03 -2.65 0.55
N TYR B 409 14.06 -2.55 1.47
CA TYR B 409 12.70 -2.16 1.09
C TYR B 409 12.66 -0.72 0.58
N HIS B 410 13.27 0.21 1.31
CA HIS B 410 13.26 1.60 0.86
C HIS B 410 14.18 1.81 -0.34
N THR B 411 15.21 0.97 -0.51
CA THR B 411 16.04 1.05 -1.70
C THR B 411 15.23 0.71 -2.95
N CYS B 412 14.45 -0.38 -2.88
CA CYS B 412 13.68 -0.81 -4.03
C CYS B 412 12.59 0.20 -4.39
N ASN B 413 11.87 0.71 -3.39
CA ASN B 413 10.72 1.57 -3.67
C ASN B 413 11.11 3.00 -4.00
N ASN B 414 12.17 3.52 -3.39
CA ASN B 414 12.72 4.80 -3.84
C ASN B 414 13.10 4.73 -5.31
N LEU B 415 13.81 3.68 -5.70
CA LEU B 415 14.27 3.56 -7.08
C LEU B 415 13.10 3.30 -8.02
N SER B 416 12.11 2.53 -7.58
CA SER B 416 10.92 2.29 -8.41
C SER B 416 10.16 3.58 -8.62
N GLY B 417 10.03 4.41 -7.57
CA GLY B 417 9.36 5.68 -7.73
C GLY B 417 10.17 6.66 -8.58
N LEU B 418 11.48 6.68 -8.39
CA LEU B 418 12.35 7.52 -9.21
C LEU B 418 12.18 7.20 -10.70
N SER B 419 12.12 5.90 -11.03
CA SER B 419 11.90 5.51 -12.42
C SER B 419 10.60 6.08 -12.95
N ILE B 420 9.53 6.01 -12.16
CA ILE B 420 8.24 6.56 -12.57
C ILE B 420 8.35 8.06 -12.83
N ALA B 421 9.13 8.76 -11.99
CA ALA B 421 9.28 10.20 -12.18
C ALA B 421 10.14 10.52 -13.40
N GLN B 422 11.16 9.71 -13.67
CA GLN B 422 12.06 10.00 -14.77
C GLN B 422 11.42 9.73 -16.13
N HIS B 423 10.59 8.69 -16.21
CA HIS B 423 10.02 8.24 -17.48
C HIS B 423 8.51 8.42 -17.45
N LYS B 424 7.97 9.11 -18.45
CA LYS B 424 6.53 9.31 -18.55
C LYS B 424 5.88 8.03 -19.04
N MET B 425 5.10 7.39 -18.18
CA MET B 425 4.44 6.13 -18.50
C MET B 425 2.97 6.37 -18.80
N SER B 426 2.46 5.68 -19.81
CA SER B 426 1.04 5.73 -20.11
C SER B 426 0.62 4.40 -20.74
N HIS B 427 -0.66 4.10 -20.60
CA HIS B 427 -1.25 2.88 -21.16
C HIS B 427 -1.81 3.24 -22.54
N SER B 428 -1.18 2.70 -23.59
CA SER B 428 -1.47 3.13 -24.95
C SER B 428 -2.57 2.26 -25.55
N PRO B 429 -3.73 2.82 -25.88
CA PRO B 429 -4.76 2.01 -26.55
C PRO B 429 -4.33 1.48 -27.91
N SER B 430 -3.51 2.22 -28.65
CA SER B 430 -3.05 1.72 -29.94
C SER B 430 -2.08 0.56 -29.76
N THR B 431 -1.21 0.63 -28.75
CA THR B 431 -0.34 -0.50 -28.45
C THR B 431 -1.17 -1.73 -28.05
N VAL B 432 -2.18 -1.53 -27.21
CA VAL B 432 -3.07 -2.63 -26.84
C VAL B 432 -3.77 -3.19 -28.08
N SER B 433 -4.21 -2.30 -28.97
CA SER B 433 -4.82 -2.76 -30.22
C SER B 433 -3.84 -3.57 -31.04
N SER B 434 -2.58 -3.14 -31.09
CA SER B 434 -1.56 -3.90 -31.81
CA SER B 434 -1.55 -3.90 -31.81
C SER B 434 -1.30 -5.25 -31.15
N ASN B 435 -1.42 -5.33 -29.83
CA ASN B 435 -1.22 -6.61 -29.15
C ASN B 435 -2.35 -7.58 -29.48
N ARG B 436 -3.57 -7.07 -29.61
CA ARG B 436 -4.69 -7.93 -30.00
C ARG B 436 -4.48 -8.51 -31.38
N LEU B 437 -3.88 -7.73 -32.28
CA LEU B 437 -3.71 -8.18 -33.66
C LEU B 437 -2.65 -9.27 -33.80
N LYS B 438 -1.72 -9.37 -32.86
CA LYS B 438 -0.64 -10.35 -32.93
C LYS B 438 -0.82 -11.54 -32.00
N PHE B 439 -1.88 -11.53 -31.17
CA PHE B 439 -2.08 -12.60 -30.21
C PHE B 439 -2.52 -13.88 -30.93
N ASP B 440 -1.94 -15.00 -30.49
CA ASP B 440 -2.26 -16.33 -31.04
C ASP B 440 -3.06 -17.09 -30.00
N ALA B 441 -4.36 -17.24 -30.26
CA ALA B 441 -5.23 -17.94 -29.32
C ALA B 441 -5.09 -19.45 -29.39
N SER B 442 -4.48 -19.99 -30.45
CA SER B 442 -4.30 -21.42 -30.58
C SER B 442 -3.13 -21.95 -29.76
N LYS B 443 -2.30 -21.07 -29.21
CA LYS B 443 -1.18 -21.46 -28.37
C LYS B 443 -1.47 -21.12 -26.92
N GLY B 444 -1.12 -22.03 -26.02
CA GLY B 444 -1.35 -21.80 -24.60
C GLY B 444 -1.16 -23.04 -23.76
N LEU B 445 -0.95 -22.84 -22.46
CA LEU B 445 -0.83 -23.93 -21.51
C LEU B 445 -2.21 -24.51 -21.23
N PRO B 446 -2.28 -25.70 -20.64
CA PRO B 446 -3.60 -26.30 -20.34
C PRO B 446 -4.45 -25.39 -19.47
N ALA B 447 -5.72 -25.26 -19.84
CA ALA B 447 -6.66 -24.52 -19.02
C ALA B 447 -6.78 -25.14 -17.64
N VAL B 448 -6.89 -24.30 -16.62
CA VAL B 448 -7.00 -24.79 -15.25
C VAL B 448 -8.39 -25.40 -15.04
N LYS B 449 -8.45 -26.43 -14.19
CA LYS B 449 -9.71 -27.08 -13.86
C LYS B 449 -10.34 -26.32 -12.69
N PRO B 450 -11.49 -25.69 -12.88
CA PRO B 450 -12.12 -24.96 -11.77
C PRO B 450 -12.57 -25.90 -10.67
N VAL B 451 -12.66 -25.35 -9.45
CA VAL B 451 -13.01 -26.18 -8.30
C VAL B 451 -14.51 -26.47 -8.26
N ALA B 452 -15.34 -25.54 -8.76
CA ALA B 452 -16.77 -25.71 -8.89
C ALA B 452 -17.12 -26.03 -10.34
N PRO B 453 -18.17 -26.84 -10.56
CA PRO B 453 -18.46 -27.27 -11.95
C PRO B 453 -18.66 -26.14 -12.92
N GLY B 454 -19.40 -25.09 -12.54
CA GLY B 454 -19.64 -23.99 -13.45
C GLY B 454 -18.73 -22.79 -13.22
N GLY B 455 -17.57 -23.03 -12.62
CA GLY B 455 -16.67 -21.94 -12.27
C GLY B 455 -15.77 -21.43 -13.38
N GLY B 456 -15.63 -22.18 -14.47
CA GLY B 456 -14.77 -21.79 -15.57
C GLY B 456 -15.48 -20.88 -16.56
N TRP B 457 -14.82 -20.67 -17.69
CA TRP B 457 -15.42 -19.89 -18.76
C TRP B 457 -16.46 -20.73 -19.50
N LYS B 458 -17.40 -20.04 -20.16
CA LYS B 458 -18.52 -20.71 -20.79
C LYS B 458 -18.06 -21.62 -21.93
N ASN B 459 -17.18 -21.11 -22.79
CA ASN B 459 -16.70 -21.87 -23.93
C ASN B 459 -15.30 -21.39 -24.29
N GLU B 460 -14.74 -21.96 -25.35
CA GLU B 460 -13.39 -21.59 -25.76
C GLU B 460 -13.35 -20.17 -26.33
N ASP B 461 -14.40 -19.78 -27.06
CA ASP B 461 -14.44 -18.42 -27.61
C ASP B 461 -14.34 -17.37 -26.50
N GLU B 462 -15.02 -17.61 -25.38
CA GLU B 462 -14.99 -16.65 -24.28
C GLU B 462 -13.69 -16.74 -23.49
N ARG B 463 -13.14 -17.95 -23.34
CA ARG B 463 -11.87 -18.08 -22.62
C ARG B 463 -10.71 -17.52 -23.43
N GLN B 464 -10.69 -17.76 -24.74
CA GLN B 464 -9.64 -17.19 -25.57
C GLN B 464 -9.77 -15.68 -25.70
N ASN B 465 -11.01 -15.18 -25.74
CA ASN B 465 -11.20 -13.73 -25.72
C ASN B 465 -10.70 -13.12 -24.43
N ALA B 466 -10.82 -13.86 -23.32
CA ALA B 466 -10.30 -13.37 -22.05
C ALA B 466 -8.78 -13.41 -22.02
N ARG B 467 -8.18 -14.50 -22.52
CA ARG B 467 -6.73 -14.58 -22.60
C ARG B 467 -6.15 -13.44 -23.42
N ARG B 468 -6.80 -13.12 -24.55
CA ARG B 468 -6.27 -12.06 -25.42
C ARG B 468 -6.33 -10.70 -24.74
N GLU B 469 -7.47 -10.37 -24.13
CA GLU B 469 -7.61 -9.06 -23.49
C GLU B 469 -6.64 -8.91 -22.33
N ILE B 470 -6.53 -9.93 -21.48
CA ILE B 470 -5.67 -9.85 -20.31
C ILE B 470 -4.21 -9.78 -20.73
N TRP B 471 -3.81 -10.57 -21.73
CA TRP B 471 -2.45 -10.50 -22.23
C TRP B 471 -2.18 -9.16 -22.91
N ALA B 472 -3.09 -8.72 -23.79
CA ALA B 472 -2.85 -7.52 -24.57
C ALA B 472 -2.78 -6.28 -23.67
N ASN B 473 -3.63 -6.20 -22.66
CA ASN B 473 -3.62 -5.03 -21.78
C ASN B 473 -2.44 -5.05 -20.81
N ALA B 474 -2.01 -6.25 -20.40
CA ALA B 474 -0.85 -6.35 -19.52
C ALA B 474 0.40 -5.79 -20.19
N LEU B 475 0.50 -5.92 -21.51
CA LEU B 475 1.63 -5.39 -22.28
C LEU B 475 1.31 -4.06 -22.95
N GLY B 476 0.46 -3.25 -22.32
CA GLY B 476 0.00 -2.02 -22.94
C GLY B 476 0.70 -0.76 -22.44
N TRP B 477 1.53 -0.89 -21.41
CA TRP B 477 2.24 0.27 -20.88
C TRP B 477 3.44 0.61 -21.75
N ILE B 478 3.61 1.89 -22.05
CA ILE B 478 4.71 2.37 -22.86
C ILE B 478 5.36 3.56 -22.16
N GLU B 479 6.62 3.80 -22.49
CA GLU B 479 7.29 5.03 -22.11
C GLU B 479 7.14 6.02 -23.25
N GLU B 480 6.52 7.16 -22.98
CA GLU B 480 6.24 8.13 -24.02
C GLU B 480 7.53 8.76 -24.54
N GLU B 481 7.71 8.71 -25.86
CA GLU B 481 8.88 9.28 -26.48
C GLU B 481 8.92 10.79 -26.27
N GLY B 482 10.06 11.28 -25.76
CA GLY B 482 10.24 12.70 -25.49
C GLY B 482 9.78 13.16 -24.13
N GLY B 483 9.13 12.30 -23.34
CA GLY B 483 8.69 12.65 -22.02
C GLY B 483 9.70 12.40 -20.91
N GLU B 484 10.92 12.05 -21.26
CA GLU B 484 11.93 11.75 -20.25
C GLU B 484 12.42 13.03 -19.57
N ILE B 485 12.57 12.96 -18.24
CA ILE B 485 13.09 14.06 -17.45
C ILE B 485 14.07 13.48 -16.45
N ILE B 486 15.37 13.70 -16.67
CA ILE B 486 16.41 13.18 -15.81
C ILE B 486 17.06 14.33 -15.06
N VAL B 487 16.59 14.60 -13.84
CA VAL B 487 17.14 15.67 -13.03
C VAL B 487 18.59 15.35 -12.69
N GLY B 488 19.47 16.32 -12.90
CA GLY B 488 20.86 16.19 -12.51
C GLY B 488 21.81 15.67 -13.58
N GLY B 489 21.28 15.25 -14.73
CA GLY B 489 22.13 14.73 -15.78
C GLY B 489 21.86 13.27 -16.08
N LYS B 490 22.23 12.82 -17.28
CA LYS B 490 21.87 11.49 -17.74
C LYS B 490 22.56 10.37 -16.98
N ASP B 491 23.61 10.66 -16.21
CA ASP B 491 24.19 9.64 -15.35
C ASP B 491 23.25 9.24 -14.21
N ASN B 492 22.24 10.07 -13.92
CA ASN B 492 21.23 9.73 -12.92
C ASN B 492 20.13 8.84 -13.48
N ARG B 493 20.12 8.58 -14.79
CA ARG B 493 19.04 7.81 -15.39
C ARG B 493 19.08 6.36 -14.92
N ILE B 494 17.90 5.83 -14.61
CA ILE B 494 17.74 4.41 -14.30
C ILE B 494 16.74 3.82 -15.28
N ASN B 495 16.64 2.49 -15.25
CA ASN B 495 15.80 1.80 -16.21
C ASN B 495 14.32 2.03 -15.92
N THR B 496 13.51 1.71 -16.91
CA THR B 496 12.07 1.99 -16.88
C THR B 496 11.34 0.80 -16.27
N THR B 497 10.59 1.05 -15.20
CA THR B 497 9.76 0.02 -14.58
C THR B 497 8.35 0.10 -15.13
N THR B 498 7.62 -0.99 -14.97
CA THR B 498 6.28 -1.01 -15.51
C THR B 498 5.28 -0.71 -14.40
N PRO B 499 4.35 0.23 -14.61
CA PRO B 499 3.28 0.42 -13.64
C PRO B 499 2.49 -0.86 -13.46
N VAL B 500 1.82 -0.95 -12.30
CA VAL B 500 0.98 -2.09 -11.91
C VAL B 500 1.84 -3.29 -11.50
N PHE B 501 2.79 -3.68 -12.36
CA PHE B 501 3.58 -4.88 -12.09
C PHE B 501 4.86 -4.58 -11.33
N ASN B 502 5.51 -3.45 -11.63
CA ASN B 502 6.78 -3.04 -11.00
C ASN B 502 7.92 -4.02 -11.31
N ILE B 503 7.99 -4.46 -12.56
CA ILE B 503 9.21 -5.06 -13.08
C ILE B 503 9.49 -4.40 -14.43
N LEU B 504 10.75 -4.49 -14.87
CA LEU B 504 11.11 -3.92 -16.16
C LEU B 504 10.26 -4.55 -17.27
N GLY B 505 9.92 -3.73 -18.26
CA GLY B 505 9.19 -4.25 -19.40
C GLY B 505 9.95 -5.34 -20.14
N LEU B 506 11.29 -5.25 -20.14
CA LEU B 506 12.10 -6.28 -20.78
C LEU B 506 12.08 -7.59 -20.00
N ARG B 507 11.65 -7.58 -18.72
CA ARG B 507 11.40 -8.80 -17.98
C ARG B 507 9.97 -9.26 -18.15
N LEU B 508 9.02 -8.32 -18.18
CA LEU B 508 7.61 -8.65 -18.23
C LEU B 508 7.23 -9.34 -19.53
N LYS B 509 7.80 -8.89 -20.66
CA LYS B 509 7.36 -9.42 -21.96
C LYS B 509 7.72 -10.89 -22.13
N PRO B 510 8.98 -11.32 -22.02
CA PRO B 510 9.27 -12.75 -22.21
C PRO B 510 8.67 -13.62 -21.12
N PHE B 511 8.45 -13.09 -19.92
CA PHE B 511 7.86 -13.88 -18.85
C PHE B 511 6.40 -14.21 -19.15
N ILE B 512 5.59 -13.19 -19.43
CA ILE B 512 4.18 -13.45 -19.69
C ILE B 512 3.99 -14.14 -21.04
N ASN B 513 4.90 -13.90 -21.99
CA ASN B 513 4.81 -14.61 -23.26
C ASN B 513 5.04 -16.11 -23.08
N TYR B 514 5.94 -16.47 -22.17
CA TYR B 514 6.20 -17.89 -21.90
C TYR B 514 4.93 -18.60 -21.45
N PHE B 515 4.21 -18.03 -20.49
CA PHE B 515 3.05 -18.69 -19.91
C PHE B 515 1.81 -18.59 -20.80
N TYR B 516 1.79 -17.66 -21.75
CA TYR B 516 0.74 -17.59 -22.74
C TYR B 516 1.15 -18.20 -24.08
N CYS B 517 2.36 -18.77 -24.16
CA CYS B 517 2.85 -19.43 -25.36
C CYS B 517 2.82 -18.50 -26.57
N GLN B 518 3.20 -17.25 -26.35
CA GLN B 518 3.32 -16.27 -27.43
C GLN B 518 4.79 -16.05 -27.77
N GLU B 519 5.05 -15.77 -29.04
CA GLU B 519 6.42 -15.59 -29.51
C GLU B 519 6.50 -14.46 -30.55
#